data_6CF6
#
_entry.id   6CF6
#
_cell.length_a   134.019
_cell.length_b   103.284
_cell.length_c   75.163
_cell.angle_alpha   90.000
_cell.angle_beta   106.930
_cell.angle_gamma   90.000
#
_symmetry.space_group_name_H-M   'C 1 2 1'
#
loop_
_entity.id
_entity.type
_entity.pdbx_description
1 polymer Tankyrase-1
2 polymer RNF146
3 water water
#
loop_
_entity_poly.entity_id
_entity_poly.type
_entity_poly.pdbx_seq_one_letter_code
_entity_poly.pdbx_strand_id
1 'polypeptide(L)'
;GKSALDLADPSAKAVLTGEYKKDELLEAARSGNEEKLMALLTPLNVNCHASDGRKSTPLHLAAGYNRVRIVQLLLQHGAD
VHAKDKGGLVPLHNACSYGHYEVTELLLKHGACVNAMDLWQFTPLHEAASKNRVEVCSLLLSHGADPTLVNCHGKSAVDM
APTPELRERLTYEFKGHSLLQAAREADLAKVKKTLALEIINFKQPQSHETALHCAVASLHPKRKQVAELLLRKGANVNEK
NKDFMTPLHVAAERAHNDVMEVLHKHGAKMNALDSLGQTALHRAALAGHLQTCRLLLSYGSDPSIISLQGFTAAQMGNEA
VQQILSESTPMRTSDVDYRLLEASKAGD
;
A,B
2 'polypeptide(L)' NLARESSADGADS C,D
#
# COMPACT_ATOMS: atom_id res chain seq x y z
N ALA A 8 4.32 65.65 -24.02
CA ALA A 8 4.19 64.39 -23.21
C ALA A 8 5.13 64.41 -22.00
N ASP A 9 4.54 64.24 -20.81
CA ASP A 9 5.27 64.17 -19.53
C ASP A 9 6.53 63.25 -19.60
N PRO A 10 7.69 63.71 -19.06
CA PRO A 10 8.92 62.88 -19.04
C PRO A 10 8.77 61.51 -18.37
N SER A 11 8.02 61.43 -17.26
CA SER A 11 7.74 60.16 -16.57
C SER A 11 6.89 59.23 -17.43
N ALA A 12 5.83 59.76 -18.05
CA ALA A 12 4.95 58.95 -18.95
C ALA A 12 5.69 58.46 -20.21
N LYS A 13 6.60 59.28 -20.75
CA LYS A 13 7.46 58.82 -21.86
C LYS A 13 8.38 57.65 -21.42
N ALA A 14 8.92 57.76 -20.21
CA ALA A 14 9.81 56.73 -19.65
C ALA A 14 9.06 55.41 -19.49
N VAL A 15 7.87 55.46 -18.87
CA VAL A 15 7.00 54.29 -18.71
C VAL A 15 6.68 53.68 -20.07
N LEU A 16 6.30 54.51 -21.05
CA LEU A 16 5.98 53.98 -22.38
C LEU A 16 7.19 53.27 -23.03
N THR A 17 8.38 53.86 -22.91
CA THR A 17 9.61 53.23 -23.42
C THR A 17 9.88 51.87 -22.75
N GLY A 18 9.70 51.84 -21.43
CA GLY A 18 9.89 50.63 -20.64
C GLY A 18 8.92 49.52 -21.02
N GLU A 19 7.71 49.90 -21.45
CA GLU A 19 6.68 48.94 -21.87
C GLU A 19 7.03 48.31 -23.20
N TYR A 20 7.53 49.12 -24.14
CA TYR A 20 8.11 48.58 -25.37
C TYR A 20 9.24 47.57 -25.09
N LYS A 21 10.17 47.98 -24.23
CA LYS A 21 11.33 47.18 -23.84
C LYS A 21 10.90 45.88 -23.15
N LYS A 22 9.93 45.97 -22.24
CA LYS A 22 9.49 44.77 -21.53
C LYS A 22 8.80 43.78 -22.49
N ASP A 23 8.06 44.27 -23.47
CA ASP A 23 7.46 43.40 -24.48
C ASP A 23 8.53 42.69 -25.30
N GLU A 24 9.60 43.40 -25.63
CA GLU A 24 10.75 42.76 -26.29
C GLU A 24 11.47 41.72 -25.38
N LEU A 25 11.56 41.99 -24.08
CA LEU A 25 12.12 41.01 -23.13
C LEU A 25 11.28 39.73 -23.11
N LEU A 26 9.98 39.90 -22.98
CA LEU A 26 9.01 38.81 -23.02
C LEU A 26 9.13 37.99 -24.31
N GLU A 27 9.25 38.69 -25.45
CA GLU A 27 9.46 38.05 -26.73
C GLU A 27 10.73 37.20 -26.75
N ALA A 28 11.83 37.75 -26.25
CA ALA A 28 13.09 37.02 -26.15
C ALA A 28 12.95 35.77 -25.27
N ALA A 29 12.25 35.91 -24.14
CA ALA A 29 12.00 34.78 -23.24
C ALA A 29 11.22 33.68 -23.93
N ARG A 30 10.10 34.05 -24.58
CA ARG A 30 9.28 33.06 -25.30
C ARG A 30 10.05 32.32 -26.39
N SER A 31 10.82 33.05 -27.19
CA SER A 31 11.50 32.49 -28.38
C SER A 31 12.81 31.79 -28.05
N GLY A 32 13.30 31.90 -26.83
CA GLY A 32 14.57 31.29 -26.46
C GLY A 32 15.78 32.07 -26.97
N ASN A 33 15.60 33.36 -27.24
CA ASN A 33 16.68 34.19 -27.79
C ASN A 33 17.55 34.73 -26.66
N GLU A 34 18.63 34.00 -26.38
CA GLU A 34 19.53 34.30 -25.28
C GLU A 34 20.19 35.69 -25.38
N GLU A 35 20.78 35.98 -26.54
CA GLU A 35 21.51 37.22 -26.71
C GLU A 35 20.58 38.44 -26.50
N LYS A 36 19.39 38.38 -27.06
CA LYS A 36 18.41 39.46 -26.90
C LYS A 36 17.95 39.57 -25.46
N LEU A 37 17.64 38.43 -24.83
CA LEU A 37 17.28 38.42 -23.41
C LEU A 37 18.32 39.17 -22.56
N MET A 38 19.60 38.80 -22.68
CA MET A 38 20.66 39.39 -21.85
C MET A 38 21.00 40.86 -22.20
N ALA A 39 20.64 41.29 -23.41
CA ALA A 39 20.70 42.74 -23.73
C ALA A 39 19.55 43.56 -23.11
N LEU A 40 18.38 42.93 -22.91
CA LEU A 40 17.19 43.65 -22.42
C LEU A 40 16.93 43.50 -20.92
N LEU A 41 17.45 42.42 -20.34
CA LEU A 41 17.22 42.09 -18.94
C LEU A 41 17.93 43.06 -17.98
N THR A 42 17.16 43.75 -17.15
CA THR A 42 17.73 44.64 -16.15
C THR A 42 17.03 44.36 -14.81
N PRO A 43 17.55 44.92 -13.70
CA PRO A 43 16.86 44.78 -12.40
C PRO A 43 15.45 45.36 -12.41
N LEU A 44 15.14 46.27 -13.34
CA LEU A 44 13.83 46.90 -13.41
C LEU A 44 12.77 46.14 -14.21
N ASN A 45 13.17 45.18 -15.03
CA ASN A 45 12.19 44.41 -15.81
C ASN A 45 12.26 42.88 -15.65
N VAL A 46 13.18 42.36 -14.85
CA VAL A 46 13.36 40.90 -14.71
C VAL A 46 12.06 40.21 -14.28
N ASN A 47 11.30 40.86 -13.42
CA ASN A 47 9.99 40.38 -12.97
C ASN A 47 8.80 41.18 -13.49
N CYS A 48 8.95 41.76 -14.69
CA CYS A 48 7.86 42.43 -15.38
C CYS A 48 6.76 41.44 -15.77
N HIS A 49 5.57 41.97 -16.06
CA HIS A 49 4.43 41.18 -16.52
C HIS A 49 3.96 41.69 -17.85
N ALA A 50 3.49 40.79 -18.71
CA ALA A 50 2.85 41.21 -19.96
C ALA A 50 1.61 42.03 -19.63
N SER A 51 1.27 42.94 -20.52
CA SER A 51 0.10 43.83 -20.38
C SER A 51 -1.18 43.09 -20.64
N ASP A 52 -1.15 42.18 -21.62
CA ASP A 52 -2.34 41.41 -22.03
C ASP A 52 -2.24 39.88 -21.78
N GLY A 53 -3.31 39.17 -22.12
CA GLY A 53 -3.39 37.72 -22.02
C GLY A 53 -3.24 37.30 -20.57
N ARG A 54 -2.41 36.31 -20.32
CA ARG A 54 -2.24 35.81 -18.96
C ARG A 54 -1.40 36.70 -18.04
N LYS A 55 -0.76 37.75 -18.57
CA LYS A 55 0.06 38.65 -17.75
C LYS A 55 1.25 37.91 -17.12
N SER A 56 1.88 37.09 -17.96
CA SER A 56 3.00 36.24 -17.60
C SER A 56 4.26 37.07 -17.41
N THR A 57 5.16 36.59 -16.53
CA THR A 57 6.52 37.11 -16.43
C THR A 57 7.40 36.44 -17.46
N PRO A 58 8.61 36.98 -17.68
CA PRO A 58 9.54 36.27 -18.56
C PRO A 58 9.76 34.80 -18.13
N LEU A 59 9.83 34.55 -16.82
CA LEU A 59 10.04 33.20 -16.29
C LEU A 59 8.88 32.26 -16.60
N HIS A 60 7.63 32.72 -16.50
CA HIS A 60 6.48 31.93 -16.93
C HIS A 60 6.63 31.51 -18.38
N LEU A 61 7.00 32.45 -19.26
CA LEU A 61 7.05 32.19 -20.69
C LEU A 61 8.18 31.26 -21.01
N ALA A 62 9.36 31.49 -20.44
CA ALA A 62 10.49 30.60 -20.67
C ALA A 62 10.18 29.20 -20.17
N ALA A 63 9.43 29.11 -19.08
CA ALA A 63 9.12 27.79 -18.50
C ALA A 63 8.13 27.02 -19.38
N GLY A 64 7.03 27.67 -19.73
CA GLY A 64 5.99 27.07 -20.59
C GLY A 64 6.46 26.68 -21.99
N TYR A 65 7.43 27.43 -22.54
CA TYR A 65 7.97 27.18 -23.88
C TYR A 65 9.28 26.38 -23.89
N ASN A 66 9.62 25.77 -22.75
CA ASN A 66 10.76 24.89 -22.63
C ASN A 66 12.09 25.53 -23.07
N ARG A 67 12.34 26.74 -22.60
CA ARG A 67 13.58 27.44 -22.88
C ARG A 67 14.48 27.26 -21.68
N VAL A 68 15.14 26.11 -21.63
CA VAL A 68 15.90 25.72 -20.44
C VAL A 68 17.01 26.73 -20.12
N ARG A 69 17.77 27.13 -21.13
CA ARG A 69 18.84 28.11 -20.92
C ARG A 69 18.29 29.46 -20.43
N ILE A 70 17.15 29.87 -20.96
CA ILE A 70 16.53 31.13 -20.53
C ILE A 70 16.07 31.04 -19.08
N VAL A 71 15.48 29.92 -18.70
CA VAL A 71 15.08 29.71 -17.31
C VAL A 71 16.27 29.87 -16.39
N GLN A 72 17.40 29.27 -16.76
CA GLN A 72 18.63 29.33 -15.98
C GLN A 72 19.16 30.77 -15.86
N LEU A 73 19.23 31.50 -16.98
CA LEU A 73 19.66 32.90 -16.94
C LEU A 73 18.74 33.80 -16.11
N LEU A 74 17.44 33.64 -16.24
CA LEU A 74 16.50 34.46 -15.45
C LEU A 74 16.66 34.20 -13.94
N LEU A 75 16.67 32.92 -13.56
CA LEU A 75 16.87 32.54 -12.14
C LEU A 75 18.20 33.06 -11.60
N GLN A 76 19.24 32.97 -12.41
CA GLN A 76 20.57 33.48 -12.04
C GLN A 76 20.64 35.03 -11.94
N HIS A 77 19.77 35.74 -12.65
CA HIS A 77 19.77 37.22 -12.61
C HIS A 77 18.54 37.81 -11.95
N GLY A 78 18.01 37.12 -10.95
CA GLY A 78 17.02 37.70 -10.03
C GLY A 78 15.55 37.38 -10.23
N ALA A 79 15.21 36.50 -11.16
CA ALA A 79 13.80 36.26 -11.43
C ALA A 79 13.13 35.61 -10.21
N ASP A 80 11.87 35.99 -9.99
CA ASP A 80 11.07 35.54 -8.87
C ASP A 80 10.38 34.26 -9.25
N VAL A 81 10.86 33.16 -8.68
CA VAL A 81 10.29 31.84 -8.93
C VAL A 81 8.85 31.71 -8.42
N HIS A 82 8.44 32.59 -7.49
CA HIS A 82 7.08 32.65 -6.95
C HIS A 82 6.14 33.66 -7.61
N ALA A 83 6.57 34.32 -8.69
CA ALA A 83 5.72 35.29 -9.36
C ALA A 83 4.47 34.60 -9.91
N LYS A 84 3.36 35.31 -9.88
CA LYS A 84 2.07 34.79 -10.31
C LYS A 84 1.63 35.45 -11.59
N ASP A 85 0.96 34.69 -12.46
CA ASP A 85 0.26 35.30 -13.59
C ASP A 85 -1.17 35.73 -13.13
N LYS A 86 -2.01 36.21 -14.05
CA LYS A 86 -3.34 36.72 -13.65
C LYS A 86 -4.26 35.66 -13.02
N GLY A 87 -4.05 34.38 -13.35
CA GLY A 87 -4.79 33.27 -12.70
C GLY A 87 -4.19 32.73 -11.41
N GLY A 88 -3.05 33.28 -10.99
CA GLY A 88 -2.29 32.74 -9.87
C GLY A 88 -1.34 31.60 -10.20
N LEU A 89 -1.16 31.26 -11.48
CA LEU A 89 -0.15 30.28 -11.84
C LEU A 89 1.24 30.81 -11.51
N VAL A 90 2.10 29.94 -10.97
CA VAL A 90 3.52 30.21 -10.86
C VAL A 90 4.19 29.51 -12.04
N PRO A 91 5.46 29.87 -12.33
CA PRO A 91 6.10 29.25 -13.48
C PRO A 91 6.12 27.72 -13.43
N LEU A 92 6.19 27.16 -12.23
CA LEU A 92 6.12 25.72 -12.08
C LEU A 92 4.85 25.13 -12.71
N HIS A 93 3.69 25.78 -12.56
CA HIS A 93 2.46 25.34 -13.23
C HIS A 93 2.64 25.23 -14.75
N ASN A 94 3.28 26.23 -15.37
CA ASN A 94 3.48 26.25 -16.83
C ASN A 94 4.38 25.09 -17.27
N ALA A 95 5.47 24.88 -16.55
CA ALA A 95 6.42 23.83 -16.91
C ALA A 95 5.77 22.44 -16.78
N CYS A 96 4.97 22.27 -15.73
CA CYS A 96 4.30 20.99 -15.48
C CYS A 96 3.16 20.70 -16.45
N SER A 97 2.34 21.68 -16.79
CA SER A 97 1.24 21.43 -17.75
C SER A 97 1.76 20.97 -19.11
N TYR A 98 2.82 21.59 -19.60
CA TYR A 98 3.44 21.22 -20.90
C TYR A 98 4.51 20.12 -20.83
N GLY A 99 4.73 19.55 -19.64
CA GLY A 99 5.58 18.38 -19.49
C GLY A 99 7.06 18.64 -19.67
N HIS A 100 7.52 19.83 -19.30
CA HIS A 100 8.93 20.19 -19.47
C HIS A 100 9.74 19.76 -18.24
N TYR A 101 10.35 18.59 -18.34
CA TYR A 101 10.98 17.94 -17.17
C TYR A 101 12.21 18.72 -16.63
N GLU A 102 13.16 19.00 -17.52
CA GLU A 102 14.36 19.78 -17.14
C GLU A 102 13.98 21.14 -16.52
N VAL A 103 13.04 21.85 -17.14
CA VAL A 103 12.57 23.13 -16.58
C VAL A 103 11.99 22.93 -15.19
N THR A 104 11.16 21.90 -15.03
CA THR A 104 10.52 21.64 -13.75
C THR A 104 11.61 21.42 -12.65
N GLU A 105 12.63 20.63 -12.99
CA GLU A 105 13.69 20.34 -12.05
C GLU A 105 14.50 21.58 -11.67
N LEU A 106 14.76 22.45 -12.63
CA LEU A 106 15.46 23.72 -12.37
C LEU A 106 14.66 24.65 -11.45
N LEU A 107 13.37 24.79 -11.74
CA LEU A 107 12.48 25.58 -10.90
C LEU A 107 12.46 25.06 -9.47
N LEU A 108 12.37 23.74 -9.30
CA LEU A 108 12.34 23.14 -7.96
C LEU A 108 13.67 23.35 -7.24
N LYS A 109 14.77 23.20 -7.95
CA LYS A 109 16.10 23.48 -7.41
C LYS A 109 16.23 24.92 -6.90
N HIS A 110 15.58 25.87 -7.58
CA HIS A 110 15.59 27.25 -7.14
C HIS A 110 14.47 27.60 -6.16
N GLY A 111 13.86 26.60 -5.52
CA GLY A 111 12.90 26.82 -4.44
C GLY A 111 11.44 26.95 -4.80
N ALA A 112 11.03 26.55 -6.00
CA ALA A 112 9.60 26.60 -6.34
C ALA A 112 8.82 25.74 -5.35
N CYS A 113 7.66 26.23 -4.94
CA CYS A 113 6.78 25.51 -4.03
C CYS A 113 6.01 24.46 -4.79
N VAL A 114 6.29 23.22 -4.42
CA VAL A 114 5.84 22.04 -5.16
C VAL A 114 4.31 21.93 -5.20
N ASN A 115 3.64 22.41 -4.17
CA ASN A 115 2.17 22.40 -4.12
C ASN A 115 1.57 23.81 -4.21
N ALA A 116 2.23 24.72 -4.93
CA ALA A 116 1.67 26.06 -5.16
C ALA A 116 0.26 25.97 -5.74
N MET A 117 -0.62 26.85 -5.30
CA MET A 117 -2.02 26.84 -5.74
C MET A 117 -2.36 28.12 -6.46
N ASP A 118 -3.07 27.98 -7.58
CA ASP A 118 -3.56 29.12 -8.31
C ASP A 118 -4.88 29.60 -7.65
N LEU A 119 -5.62 30.48 -8.30
CA LEU A 119 -6.84 31.03 -7.68
C LEU A 119 -8.01 30.03 -7.61
N TRP A 120 -7.91 28.90 -8.30
CA TRP A 120 -8.87 27.79 -8.24
C TRP A 120 -8.33 26.58 -7.46
N GLN A 121 -7.25 26.79 -6.71
CA GLN A 121 -6.52 25.75 -5.97
C GLN A 121 -6.00 24.58 -6.84
N PHE A 122 -5.64 24.86 -8.09
CA PHE A 122 -4.92 23.90 -8.93
C PHE A 122 -3.44 23.97 -8.56
N THR A 123 -2.85 22.81 -8.36
CA THR A 123 -1.42 22.64 -8.08
C THR A 123 -0.67 22.22 -9.36
N PRO A 124 0.65 22.31 -9.35
CA PRO A 124 1.42 21.78 -10.48
C PRO A 124 1.16 20.30 -10.77
N LEU A 125 0.91 19.50 -9.73
CA LEU A 125 0.58 18.10 -9.95
C LEU A 125 -0.81 17.92 -10.60
N HIS A 126 -1.80 18.76 -10.27
CA HIS A 126 -3.06 18.73 -11.02
C HIS A 126 -2.78 18.90 -12.54
N GLU A 127 -1.90 19.85 -12.88
CA GLU A 127 -1.57 20.15 -14.28
C GLU A 127 -0.87 18.99 -14.95
N ALA A 128 0.12 18.41 -14.27
CA ALA A 128 0.90 17.33 -14.84
C ALA A 128 0.05 16.08 -15.02
N ALA A 129 -0.71 15.75 -13.97
CA ALA A 129 -1.57 14.58 -13.97
C ALA A 129 -2.68 14.67 -15.05
N SER A 130 -3.35 15.82 -15.12
CA SER A 130 -4.47 15.97 -16.06
C SER A 130 -4.00 15.78 -17.51
N LYS A 131 -2.78 16.19 -17.82
CA LYS A 131 -2.20 16.03 -19.16
C LYS A 131 -1.28 14.82 -19.32
N ASN A 132 -1.36 13.88 -18.36
CA ASN A 132 -0.66 12.60 -18.46
C ASN A 132 0.87 12.74 -18.63
N ARG A 133 1.44 13.71 -17.93
CA ARG A 133 2.88 13.95 -17.91
C ARG A 133 3.46 13.05 -16.83
N VAL A 134 3.62 11.78 -17.17
CA VAL A 134 3.93 10.76 -16.17
C VAL A 134 5.26 11.01 -15.45
N GLU A 135 6.30 11.36 -16.19
CA GLU A 135 7.62 11.56 -15.59
C GLU A 135 7.67 12.81 -14.73
N VAL A 136 6.99 13.87 -15.20
CA VAL A 136 6.88 15.10 -14.42
C VAL A 136 6.12 14.84 -13.12
N CYS A 137 5.04 14.03 -13.17
CA CYS A 137 4.36 13.62 -11.94
C CYS A 137 5.32 12.97 -10.95
N SER A 138 6.13 12.03 -11.41
CA SER A 138 7.10 11.32 -10.55
C SER A 138 8.14 12.28 -9.98
N LEU A 139 8.64 13.22 -10.81
CA LEU A 139 9.54 14.26 -10.33
C LEU A 139 8.90 15.09 -9.23
N LEU A 140 7.67 15.57 -9.47
CA LEU A 140 6.93 16.35 -8.47
C LEU A 140 6.76 15.57 -7.17
N LEU A 141 6.34 14.32 -7.27
CA LEU A 141 6.16 13.52 -6.04
C LEU A 141 7.48 13.37 -5.26
N SER A 142 8.60 13.24 -5.96
CA SER A 142 9.92 13.15 -5.32
C SER A 142 10.34 14.43 -4.57
N HIS A 143 9.72 15.57 -4.90
CA HIS A 143 9.88 16.81 -4.14
C HIS A 143 8.74 17.11 -3.18
N GLY A 144 7.90 16.12 -2.86
CA GLY A 144 6.85 16.30 -1.86
C GLY A 144 5.50 16.76 -2.36
N ALA A 145 5.23 16.67 -3.67
CA ALA A 145 3.91 17.00 -4.16
C ALA A 145 2.87 16.04 -3.54
N ASP A 146 1.69 16.57 -3.24
CA ASP A 146 0.65 15.81 -2.56
C ASP A 146 -0.50 15.62 -3.54
N PRO A 147 -0.73 14.38 -4.00
CA PRO A 147 -1.79 14.12 -4.98
C PRO A 147 -3.19 14.01 -4.36
N THR A 148 -3.36 14.27 -3.07
CA THR A 148 -4.67 14.24 -2.41
C THR A 148 -5.28 15.62 -2.21
N LEU A 149 -4.52 16.70 -2.46
CA LEU A 149 -5.03 18.07 -2.31
C LEU A 149 -6.10 18.35 -3.35
N VAL A 150 -7.20 18.93 -2.90
CA VAL A 150 -8.36 19.13 -3.76
C VAL A 150 -8.36 20.55 -4.28
N ASN A 151 -8.71 20.71 -5.56
CA ASN A 151 -8.94 22.04 -6.14
C ASN A 151 -10.35 22.53 -5.76
N CYS A 152 -10.76 23.67 -6.31
CA CYS A 152 -12.06 24.27 -5.97
C CYS A 152 -13.27 23.42 -6.37
N HIS A 153 -13.10 22.52 -7.36
CA HIS A 153 -14.15 21.54 -7.73
C HIS A 153 -14.14 20.26 -6.88
N GLY A 154 -13.38 20.21 -5.78
CA GLY A 154 -13.28 19.00 -4.94
C GLY A 154 -12.47 17.86 -5.52
N LYS A 155 -11.63 18.16 -6.53
CA LYS A 155 -10.90 17.16 -7.30
C LYS A 155 -9.41 17.20 -7.01
N SER A 156 -8.84 16.01 -6.82
CA SER A 156 -7.42 15.84 -6.56
C SER A 156 -6.66 15.54 -7.87
N ALA A 157 -5.33 15.52 -7.80
CA ALA A 157 -4.54 15.11 -8.96
C ALA A 157 -4.82 13.62 -9.33
N VAL A 158 -5.11 12.78 -8.33
CA VAL A 158 -5.55 11.40 -8.61
C VAL A 158 -6.83 11.38 -9.43
N ASP A 159 -7.81 12.20 -9.05
CA ASP A 159 -9.09 12.27 -9.80
C ASP A 159 -8.88 12.71 -11.25
N MET A 160 -7.89 13.55 -11.51
CA MET A 160 -7.62 14.04 -12.87
C MET A 160 -6.72 13.17 -13.74
N ALA A 161 -5.95 12.28 -13.13
CA ALA A 161 -5.11 11.36 -13.87
C ALA A 161 -6.02 10.53 -14.81
N PRO A 162 -5.72 10.52 -16.12
CA PRO A 162 -6.64 9.90 -17.10
C PRO A 162 -6.51 8.38 -17.25
N THR A 163 -5.52 7.74 -16.64
CA THR A 163 -5.41 6.29 -16.71
C THR A 163 -5.39 5.68 -15.30
N PRO A 164 -5.83 4.41 -15.18
CA PRO A 164 -5.59 3.65 -13.95
C PRO A 164 -4.11 3.48 -13.58
N GLU A 165 -3.25 3.33 -14.59
CA GLU A 165 -1.81 3.19 -14.34
C GLU A 165 -1.24 4.44 -13.67
N LEU A 166 -1.57 5.62 -14.18
CA LEU A 166 -1.08 6.86 -13.57
C LEU A 166 -1.67 7.05 -12.17
N ARG A 167 -2.97 6.79 -12.02
CA ARG A 167 -3.59 6.89 -10.70
C ARG A 167 -2.86 6.02 -9.66
N GLU A 168 -2.59 4.77 -10.02
CA GLU A 168 -1.87 3.84 -9.16
C GLU A 168 -0.47 4.37 -8.84
N ARG A 169 0.20 4.91 -9.87
CA ARG A 169 1.54 5.43 -9.67
C ARG A 169 1.60 6.65 -8.74
N LEU A 170 0.68 7.58 -8.91
CA LEU A 170 0.58 8.73 -8.02
C LEU A 170 0.44 8.27 -6.56
N THR A 171 -0.46 7.32 -6.30
CA THR A 171 -0.72 6.80 -4.94
C THR A 171 0.50 6.07 -4.35
N TYR A 172 1.07 5.16 -5.14
CA TYR A 172 2.27 4.42 -4.75
C TYR A 172 3.46 5.36 -4.46
N GLU A 173 3.78 6.26 -5.40
CA GLU A 173 4.93 7.11 -5.24
C GLU A 173 4.75 8.14 -4.14
N PHE A 174 3.53 8.64 -3.95
CA PHE A 174 3.25 9.52 -2.82
C PHE A 174 3.55 8.78 -1.50
N LYS A 175 3.08 7.54 -1.38
CA LYS A 175 3.27 6.79 -0.15
C LYS A 175 4.75 6.51 0.04
N GLY A 176 5.43 6.13 -1.05
CA GLY A 176 6.86 5.89 -1.08
C GLY A 176 7.69 7.05 -0.62
N HIS A 177 7.49 8.21 -1.25
CA HIS A 177 8.19 9.40 -0.85
C HIS A 177 7.83 9.88 0.56
N SER A 178 6.57 9.67 1.00
CA SER A 178 6.19 9.98 2.36
C SER A 178 7.03 9.14 3.35
N LEU A 179 7.26 7.87 3.04
CA LEU A 179 8.08 6.98 3.88
C LEU A 179 9.55 7.45 3.89
N LEU A 180 10.09 7.75 2.72
CA LEU A 180 11.51 8.18 2.64
C LEU A 180 11.74 9.43 3.46
N GLN A 181 10.84 10.42 3.33
CA GLN A 181 10.99 11.68 4.04
C GLN A 181 10.79 11.50 5.55
N ALA A 182 9.82 10.68 5.95
CA ALA A 182 9.66 10.37 7.38
C ALA A 182 10.95 9.69 7.92
N ALA A 183 11.57 8.83 7.13
CA ALA A 183 12.82 8.18 7.53
C ALA A 183 13.99 9.20 7.63
N ARG A 184 14.04 10.15 6.70
CA ARG A 184 15.07 11.18 6.73
C ARG A 184 14.94 12.06 7.98
N GLU A 185 13.69 12.28 8.43
CA GLU A 185 13.42 13.09 9.60
C GLU A 185 13.38 12.28 10.89
N ALA A 186 13.61 10.98 10.81
CA ALA A 186 13.40 10.04 11.89
C ALA A 186 12.04 10.30 12.62
N ASP A 187 10.99 10.51 11.81
CA ASP A 187 9.64 10.72 12.34
C ASP A 187 9.01 9.33 12.49
N LEU A 188 9.20 8.77 13.67
CA LEU A 188 8.78 7.43 13.94
C LEU A 188 7.27 7.22 13.79
N ALA A 189 6.45 8.16 14.25
CA ALA A 189 4.99 8.04 14.14
C ALA A 189 4.54 8.05 12.66
N LYS A 190 5.17 8.90 11.86
CA LYS A 190 4.87 8.94 10.43
C LYS A 190 5.36 7.68 9.68
N VAL A 191 6.51 7.13 10.04
CA VAL A 191 6.94 5.86 9.46
C VAL A 191 5.89 4.77 9.77
N LYS A 192 5.46 4.67 11.03
CA LYS A 192 4.49 3.65 11.43
C LYS A 192 3.18 3.79 10.67
N LYS A 193 2.69 5.02 10.53
CA LYS A 193 1.47 5.29 9.79
C LYS A 193 1.59 4.88 8.31
N THR A 194 2.74 5.15 7.70
CA THR A 194 2.94 4.83 6.31
C THR A 194 3.08 3.32 6.12
N LEU A 195 3.53 2.59 7.14
CA LEU A 195 3.63 1.13 7.03
C LEU A 195 2.42 0.36 7.57
N ALA A 196 1.32 1.06 7.88
CA ALA A 196 0.20 0.42 8.62
C ALA A 196 -0.53 -0.61 7.76
N LEU A 197 -0.50 -0.44 6.44
CA LEU A 197 -1.12 -1.35 5.51
C LEU A 197 -0.15 -2.24 4.72
N GLU A 198 1.00 -2.57 5.29
CA GLU A 198 1.87 -3.59 4.69
C GLU A 198 1.17 -4.95 4.91
N ILE A 199 1.37 -5.88 3.99
CA ILE A 199 0.60 -7.15 3.99
C ILE A 199 1.39 -8.38 4.39
N ILE A 200 2.69 -8.25 4.64
CA ILE A 200 3.49 -9.43 5.01
C ILE A 200 2.88 -10.19 6.20
N ASN A 201 2.34 -9.46 7.19
CA ASN A 201 1.61 -10.10 8.34
C ASN A 201 0.10 -9.89 8.33
N PHE A 202 -0.47 -9.78 7.15
CA PHE A 202 -1.92 -9.76 6.99
C PHE A 202 -2.50 -11.03 7.62
N LYS A 203 -3.63 -10.87 8.30
CA LYS A 203 -4.25 -12.01 8.99
C LYS A 203 -5.57 -12.38 8.36
N GLN A 204 -5.75 -13.69 8.17
CA GLN A 204 -7.04 -14.24 7.82
C GLN A 204 -8.00 -13.81 8.95
N PRO A 205 -9.06 -13.04 8.62
CA PRO A 205 -9.87 -12.47 9.71
C PRO A 205 -10.46 -13.48 10.70
N GLN A 206 -10.84 -14.69 10.23
CA GLN A 206 -11.45 -15.70 11.10
C GLN A 206 -10.42 -16.47 11.96
N SER A 207 -9.40 -17.01 11.30
CA SER A 207 -8.40 -17.86 11.96
C SER A 207 -7.20 -17.09 12.58
N HIS A 208 -6.99 -15.83 12.23
CA HIS A 208 -5.76 -15.07 12.61
C HIS A 208 -4.47 -15.71 12.03
N GLU A 209 -4.58 -16.47 10.94
CA GLU A 209 -3.38 -17.03 10.30
C GLU A 209 -2.76 -16.03 9.34
N THR A 210 -1.43 -16.10 9.21
CA THR A 210 -0.67 -15.27 8.30
C THR A 210 -0.19 -16.13 7.13
N ALA A 211 0.43 -15.47 6.16
CA ALA A 211 1.05 -16.16 5.04
C ALA A 211 2.07 -17.21 5.48
N LEU A 212 2.79 -16.95 6.56
CA LEU A 212 3.77 -17.91 7.05
C LEU A 212 3.10 -19.21 7.55
N HIS A 213 1.98 -19.09 8.29
CA HIS A 213 1.19 -20.29 8.66
C HIS A 213 0.78 -21.08 7.41
N CYS A 214 0.27 -20.37 6.41
CA CYS A 214 -0.14 -21.01 5.16
C CYS A 214 1.03 -21.68 4.41
N ALA A 215 2.19 -21.02 4.31
CA ALA A 215 3.36 -21.60 3.63
C ALA A 215 3.91 -22.87 4.30
N VAL A 216 3.97 -22.89 5.63
CA VAL A 216 4.51 -24.07 6.30
C VAL A 216 3.51 -25.23 6.28
N ALA A 217 2.21 -24.94 6.09
CA ALA A 217 1.21 -25.99 5.94
C ALA A 217 1.16 -26.57 4.52
N SER A 218 1.80 -25.91 3.55
CA SER A 218 1.70 -26.27 2.14
C SER A 218 2.29 -27.64 1.83
N LEU A 219 1.63 -28.34 0.91
CA LEU A 219 2.10 -29.62 0.35
C LEU A 219 3.04 -29.43 -0.87
N HIS A 220 3.15 -28.20 -1.37
CA HIS A 220 3.82 -27.94 -2.64
C HIS A 220 5.34 -27.90 -2.52
N PRO A 221 6.07 -28.10 -3.64
CA PRO A 221 7.53 -28.33 -3.54
C PRO A 221 8.39 -27.19 -2.95
N LYS A 222 8.09 -25.93 -3.23
CA LYS A 222 8.97 -24.80 -2.82
C LYS A 222 8.59 -24.16 -1.46
N ARG A 223 7.85 -24.89 -0.61
CA ARG A 223 7.42 -24.34 0.67
C ARG A 223 8.60 -23.82 1.49
N LYS A 224 9.74 -24.52 1.45
CA LYS A 224 10.94 -24.11 2.16
C LYS A 224 11.40 -22.71 1.71
N GLN A 225 11.53 -22.57 0.39
CA GLN A 225 11.92 -21.30 -0.24
C GLN A 225 10.93 -20.18 0.04
N VAL A 226 9.64 -20.46 -0.06
CA VAL A 226 8.58 -19.47 0.25
C VAL A 226 8.65 -18.99 1.71
N ALA A 227 8.83 -19.93 2.64
CA ALA A 227 8.93 -19.63 4.05
C ALA A 227 10.13 -18.75 4.38
N GLU A 228 11.29 -19.13 3.84
CA GLU A 228 12.52 -18.33 3.92
C GLU A 228 12.30 -16.91 3.42
N LEU A 229 11.56 -16.78 2.32
CA LEU A 229 11.32 -15.51 1.68
C LEU A 229 10.44 -14.67 2.58
N LEU A 230 9.30 -15.24 3.00
CA LEU A 230 8.39 -14.50 3.88
C LEU A 230 9.12 -14.00 5.12
N LEU A 231 9.96 -14.84 5.70
CA LEU A 231 10.72 -14.47 6.89
C LEU A 231 11.77 -13.35 6.61
N ARG A 232 12.49 -13.48 5.50
CA ARG A 232 13.41 -12.42 5.06
C ARG A 232 12.71 -11.07 4.87
N LYS A 233 11.47 -11.11 4.40
CA LYS A 233 10.65 -9.92 4.13
C LYS A 233 9.69 -9.47 5.24
N GLY A 234 9.91 -9.97 6.45
CA GLY A 234 9.32 -9.42 7.66
C GLY A 234 8.23 -10.24 8.33
N ALA A 235 8.00 -11.47 7.88
CA ALA A 235 7.07 -12.37 8.59
C ALA A 235 7.45 -12.60 10.04
N ASN A 236 6.45 -12.49 10.92
CA ASN A 236 6.62 -12.80 12.33
C ASN A 236 6.66 -14.32 12.49
N VAL A 237 7.84 -14.81 12.89
CA VAL A 237 8.13 -16.24 13.00
C VAL A 237 7.30 -16.92 14.09
N ASN A 238 6.92 -16.16 15.13
CA ASN A 238 6.18 -16.71 16.25
C ASN A 238 4.69 -16.29 16.30
N GLU A 239 4.14 -15.79 15.19
CA GLU A 239 2.74 -15.30 15.13
C GLU A 239 1.80 -16.44 15.49
N LYS A 240 0.81 -16.16 16.31
CA LYS A 240 -0.10 -17.19 16.80
C LYS A 240 -1.42 -17.03 16.10
N ASN A 241 -2.00 -18.14 15.66
CA ASN A 241 -3.35 -18.12 15.15
C ASN A 241 -4.36 -18.13 16.34
N LYS A 242 -5.65 -18.24 16.00
CA LYS A 242 -6.77 -18.27 16.96
C LYS A 242 -6.61 -19.32 18.04
N ASP A 243 -6.03 -20.47 17.68
CA ASP A 243 -5.74 -21.54 18.62
C ASP A 243 -4.35 -21.47 19.28
N PHE A 244 -3.72 -20.31 19.22
CA PHE A 244 -2.37 -20.11 19.76
C PHE A 244 -1.30 -21.02 19.13
N MET A 245 -1.54 -21.46 17.89
CA MET A 245 -0.54 -22.22 17.16
C MET A 245 0.37 -21.27 16.38
N THR A 246 1.67 -21.44 16.59
CA THR A 246 2.68 -20.79 15.78
C THR A 246 2.88 -21.60 14.48
N PRO A 247 3.56 -21.00 13.49
CA PRO A 247 4.00 -21.78 12.33
C PRO A 247 4.74 -23.07 12.70
N LEU A 248 5.49 -23.08 13.81
CA LEU A 248 6.19 -24.29 14.24
C LEU A 248 5.22 -25.42 14.60
N HIS A 249 4.14 -25.09 15.33
CA HIS A 249 3.07 -26.07 15.65
C HIS A 249 2.50 -26.63 14.34
N VAL A 250 2.21 -25.73 13.39
CA VAL A 250 1.61 -26.11 12.11
C VAL A 250 2.53 -27.06 11.32
N ALA A 251 3.81 -26.70 11.19
CA ALA A 251 4.80 -27.54 10.51
C ALA A 251 5.03 -28.88 11.20
N ALA A 252 5.16 -28.83 12.53
CA ALA A 252 5.44 -30.03 13.31
C ALA A 252 4.34 -31.09 13.24
N GLU A 253 3.07 -30.67 13.28
CA GLU A 253 1.99 -31.65 13.26
C GLU A 253 1.82 -32.32 11.88
N ARG A 254 2.31 -31.66 10.83
CA ARG A 254 2.30 -32.21 9.46
C ARG A 254 3.60 -32.89 9.03
N ALA A 255 4.58 -32.99 9.93
CA ALA A 255 5.91 -33.48 9.60
C ALA A 255 6.55 -32.73 8.45
N HIS A 256 6.32 -31.42 8.34
CA HIS A 256 6.99 -30.64 7.30
C HIS A 256 8.34 -30.19 7.85
N ASN A 257 9.28 -31.12 7.84
CA ASN A 257 10.57 -30.94 8.52
C ASN A 257 11.47 -29.87 7.90
N ASP A 258 11.46 -29.74 6.59
CA ASP A 258 12.32 -28.74 5.93
C ASP A 258 11.98 -27.31 6.42
N VAL A 259 10.70 -26.97 6.49
CA VAL A 259 10.28 -25.65 6.98
C VAL A 259 10.48 -25.48 8.48
N MET A 260 10.40 -26.57 9.26
CA MET A 260 10.77 -26.48 10.70
C MET A 260 12.20 -26.00 10.90
N GLU A 261 13.12 -26.48 10.07
CA GLU A 261 14.52 -26.00 10.07
C GLU A 261 14.62 -24.50 9.84
N VAL A 262 13.90 -24.00 8.86
CA VAL A 262 13.86 -22.57 8.54
C VAL A 262 13.33 -21.76 9.73
N LEU A 263 12.25 -22.25 10.34
CA LEU A 263 11.63 -21.56 11.46
C LEU A 263 12.61 -21.50 12.64
N HIS A 264 13.27 -22.62 12.92
CA HIS A 264 14.29 -22.69 13.96
C HIS A 264 15.39 -21.67 13.76
N LYS A 265 15.87 -21.61 12.51
CA LYS A 265 16.93 -20.70 12.10
C LYS A 265 16.53 -19.24 12.29
N HIS A 266 15.22 -18.93 12.17
CA HIS A 266 14.74 -17.56 12.34
C HIS A 266 14.23 -17.22 13.74
N GLY A 267 14.55 -18.05 14.72
CA GLY A 267 14.24 -17.76 16.10
C GLY A 267 12.89 -18.27 16.56
N ALA A 268 12.35 -19.31 15.91
CA ALA A 268 11.09 -19.91 16.38
C ALA A 268 11.23 -20.35 17.81
N LYS A 269 10.20 -20.04 18.60
CA LYS A 269 10.21 -20.37 19.99
C LYS A 269 9.75 -21.83 20.16
N MET A 270 10.71 -22.70 20.51
CA MET A 270 10.49 -24.14 20.56
C MET A 270 9.41 -24.57 21.54
N ASN A 271 9.32 -23.89 22.68
CA ASN A 271 8.40 -24.28 23.75
C ASN A 271 7.13 -23.39 23.82
N ALA A 272 6.79 -22.71 22.72
CA ALA A 272 5.55 -21.94 22.65
C ALA A 272 4.37 -22.91 22.84
N LEU A 273 3.36 -22.46 23.57
CA LEU A 273 2.25 -23.30 24.00
C LEU A 273 1.01 -22.89 23.23
N ASP A 274 0.33 -23.88 22.66
CA ASP A 274 -0.95 -23.63 22.02
C ASP A 274 -2.03 -23.45 23.11
N SER A 275 -3.29 -23.31 22.72
CA SER A 275 -4.38 -23.08 23.69
C SER A 275 -4.67 -24.32 24.56
N LEU A 276 -4.16 -25.48 24.18
CA LEU A 276 -4.17 -26.67 25.03
C LEU A 276 -2.90 -26.88 25.88
N GLY A 277 -2.02 -25.89 25.91
CA GLY A 277 -0.80 -26.00 26.68
C GLY A 277 0.21 -26.92 26.03
N GLN A 278 0.07 -27.15 24.71
CA GLN A 278 0.92 -28.11 23.99
C GLN A 278 2.02 -27.39 23.23
N THR A 279 3.19 -28.01 23.17
CA THR A 279 4.24 -27.59 22.27
C THR A 279 4.08 -28.23 20.88
N ALA A 280 4.88 -27.74 19.95
CA ALA A 280 5.00 -28.41 18.66
C ALA A 280 5.41 -29.89 18.84
N LEU A 281 6.23 -30.16 19.85
CA LEU A 281 6.63 -31.52 20.17
C LEU A 281 5.47 -32.41 20.62
N HIS A 282 4.54 -31.90 21.44
CA HIS A 282 3.31 -32.65 21.73
C HIS A 282 2.57 -33.03 20.44
N ARG A 283 2.45 -32.07 19.52
CA ARG A 283 1.70 -32.28 18.31
C ARG A 283 2.40 -33.29 17.37
N ALA A 284 3.74 -33.20 17.27
CA ALA A 284 4.51 -34.16 16.50
C ALA A 284 4.36 -35.58 17.08
N ALA A 285 4.49 -35.69 18.40
CA ALA A 285 4.35 -36.94 19.13
C ALA A 285 2.98 -37.61 18.98
N LEU A 286 1.92 -36.83 19.17
CA LEU A 286 0.54 -37.24 18.96
C LEU A 286 0.27 -37.78 17.55
N ALA A 287 0.85 -37.15 16.53
CA ALA A 287 0.73 -37.61 15.14
C ALA A 287 1.71 -38.74 14.76
N GLY A 288 2.62 -39.13 15.64
CA GLY A 288 3.57 -40.20 15.34
C GLY A 288 4.70 -39.87 14.37
N HIS A 289 5.05 -38.59 14.24
CA HIS A 289 6.10 -38.13 13.32
C HIS A 289 7.47 -38.24 13.98
N LEU A 290 8.18 -39.34 13.68
CA LEU A 290 9.38 -39.73 14.42
C LEU A 290 10.56 -38.79 14.19
N GLN A 291 10.86 -38.47 12.94
CA GLN A 291 11.98 -37.58 12.63
C GLN A 291 11.70 -36.15 13.12
N THR A 292 10.46 -35.71 12.99
CA THR A 292 10.00 -34.43 13.52
C THR A 292 10.33 -34.30 15.02
N CYS A 293 10.01 -35.32 15.81
CA CYS A 293 10.33 -35.34 17.25
C CYS A 293 11.85 -35.27 17.54
N ARG A 294 12.65 -36.06 16.82
CA ARG A 294 14.09 -36.03 17.00
C ARG A 294 14.57 -34.60 16.74
N LEU A 295 14.23 -34.08 15.57
CA LEU A 295 14.57 -32.72 15.20
C LEU A 295 14.18 -31.70 16.25
N LEU A 296 12.94 -31.75 16.72
CA LEU A 296 12.48 -30.80 17.73
C LEU A 296 13.29 -30.88 19.03
N LEU A 297 13.62 -32.10 19.46
CA LEU A 297 14.48 -32.30 20.63
C LEU A 297 15.88 -31.70 20.43
N SER A 298 16.42 -31.85 19.23
CA SER A 298 17.75 -31.31 18.90
C SER A 298 17.76 -29.78 18.85
N TYR A 299 16.60 -29.17 18.63
CA TYR A 299 16.44 -27.72 18.69
C TYR A 299 16.23 -27.17 20.10
N GLY A 300 16.10 -28.04 21.09
CA GLY A 300 15.92 -27.65 22.47
C GLY A 300 14.48 -27.63 22.94
N SER A 301 13.57 -28.37 22.29
CA SER A 301 12.21 -28.52 22.80
C SER A 301 12.28 -29.32 24.09
N ASP A 302 11.49 -28.92 25.08
CA ASP A 302 11.53 -29.48 26.42
C ASP A 302 10.51 -30.61 26.51
N PRO A 303 11.00 -31.88 26.68
CA PRO A 303 10.07 -32.99 26.68
C PRO A 303 9.19 -33.14 27.93
N SER A 304 9.52 -32.44 29.02
CA SER A 304 8.79 -32.59 30.27
C SER A 304 7.53 -31.73 30.34
N ILE A 305 7.31 -30.82 29.38
CA ILE A 305 6.17 -29.90 29.46
C ILE A 305 4.85 -30.69 29.48
N ILE A 306 4.03 -30.36 30.47
CA ILE A 306 2.75 -30.99 30.72
C ILE A 306 1.64 -30.11 30.17
N SER A 307 0.85 -30.68 29.26
CA SER A 307 -0.26 -29.97 28.63
C SER A 307 -1.35 -29.69 29.65
N LEU A 308 -2.32 -28.88 29.26
CA LEU A 308 -3.51 -28.62 30.10
C LEU A 308 -4.38 -29.83 30.35
N GLN A 309 -4.32 -30.83 29.47
CA GLN A 309 -4.99 -32.12 29.75
C GLN A 309 -4.15 -33.05 30.64
N GLY A 310 -2.98 -32.60 31.07
CA GLY A 310 -2.14 -33.34 31.99
C GLY A 310 -1.16 -34.30 31.33
N PHE A 311 -0.80 -34.08 30.07
CA PHE A 311 0.07 -35.03 29.34
C PHE A 311 1.39 -34.43 28.90
N THR A 312 2.48 -35.19 29.09
CA THR A 312 3.70 -34.95 28.34
C THR A 312 3.54 -35.50 26.92
N ALA A 313 4.44 -35.09 26.04
CA ALA A 313 4.50 -35.62 24.68
C ALA A 313 4.58 -37.16 24.65
N ALA A 314 5.41 -37.73 25.52
CA ALA A 314 5.57 -39.18 25.62
C ALA A 314 4.28 -39.92 26.01
N GLN A 315 3.47 -39.32 26.86
CA GLN A 315 2.20 -39.92 27.27
C GLN A 315 1.12 -39.90 26.18
N MET A 316 1.35 -39.11 25.12
CA MET A 316 0.46 -39.02 23.96
C MET A 316 0.95 -39.85 22.77
N GLY A 317 2.17 -40.38 22.83
CA GLY A 317 2.82 -40.98 21.67
C GLY A 317 2.91 -42.50 21.64
N ASN A 318 3.22 -43.03 20.46
CA ASN A 318 3.44 -44.46 20.28
C ASN A 318 4.76 -44.92 20.91
N GLU A 319 5.00 -46.23 20.90
CA GLU A 319 6.23 -46.82 21.47
C GLU A 319 7.52 -46.17 20.92
N ALA A 320 7.62 -46.01 19.60
CA ALA A 320 8.77 -45.41 18.97
C ALA A 320 9.01 -43.94 19.41
N VAL A 321 7.93 -43.17 19.54
CA VAL A 321 7.99 -41.81 20.07
C VAL A 321 8.48 -41.85 21.52
N GLN A 322 7.89 -42.72 22.33
CA GLN A 322 8.29 -42.84 23.75
C GLN A 322 9.78 -43.14 23.92
N GLN A 323 10.33 -43.97 23.04
CA GLN A 323 11.77 -44.30 23.04
C GLN A 323 12.62 -43.07 22.71
N ILE A 324 12.31 -42.42 21.59
CA ILE A 324 12.98 -41.18 21.17
C ILE A 324 13.02 -40.15 22.31
N LEU A 325 11.89 -39.97 23.00
CA LEU A 325 11.79 -38.99 24.08
C LEU A 325 12.49 -39.38 25.38
N SER A 326 12.67 -40.67 25.63
CA SER A 326 13.41 -41.13 26.81
C SER A 326 14.95 -41.10 26.65
N GLU A 327 15.46 -40.80 25.44
CA GLU A 327 16.91 -40.64 25.20
C GLU A 327 17.44 -39.43 25.98
N ASP B 9 -63.59 -21.85 -12.44
CA ASP B 9 -64.00 -20.96 -11.29
C ASP B 9 -63.42 -21.38 -9.92
N PRO B 10 -63.45 -22.69 -9.57
CA PRO B 10 -62.83 -23.11 -8.28
C PRO B 10 -61.30 -22.96 -8.24
N SER B 11 -60.62 -23.22 -9.36
CA SER B 11 -59.17 -22.99 -9.49
C SER B 11 -58.79 -21.50 -9.47
N ALA B 12 -59.70 -20.62 -9.91
CA ALA B 12 -59.47 -19.16 -9.94
C ALA B 12 -59.74 -18.45 -8.60
N LYS B 13 -60.72 -18.95 -7.84
CA LYS B 13 -61.02 -18.41 -6.49
C LYS B 13 -59.89 -18.67 -5.49
N ALA B 14 -59.31 -19.88 -5.55
CA ALA B 14 -58.17 -20.26 -4.72
C ALA B 14 -56.93 -19.41 -5.03
N VAL B 15 -56.62 -19.28 -6.32
CA VAL B 15 -55.48 -18.47 -6.80
C VAL B 15 -55.65 -16.98 -6.42
N LEU B 16 -56.87 -16.44 -6.56
CA LEU B 16 -57.12 -15.02 -6.24
C LEU B 16 -56.85 -14.66 -4.77
N THR B 17 -57.39 -15.45 -3.84
CA THR B 17 -57.18 -15.24 -2.40
C THR B 17 -55.75 -15.63 -1.94
N GLY B 18 -55.15 -16.61 -2.63
CA GLY B 18 -53.72 -16.91 -2.47
C GLY B 18 -52.80 -15.76 -2.86
N GLU B 19 -53.22 -14.98 -3.86
CA GLU B 19 -52.52 -13.75 -4.25
C GLU B 19 -52.64 -12.63 -3.22
N TYR B 20 -53.73 -12.58 -2.45
CA TYR B 20 -53.85 -11.64 -1.33
C TYR B 20 -52.98 -12.05 -0.13
N LYS B 21 -52.93 -13.36 0.15
CA LYS B 21 -52.03 -13.91 1.19
C LYS B 21 -50.58 -13.45 0.97
N LYS B 22 -50.11 -13.60 -0.27
CA LYS B 22 -48.80 -13.12 -0.74
C LYS B 22 -48.46 -11.69 -0.31
N ASP B 23 -49.30 -10.73 -0.71
CA ASP B 23 -49.09 -9.30 -0.39
C ASP B 23 -48.96 -9.06 1.10
N GLU B 24 -49.70 -9.83 1.89
CA GLU B 24 -49.65 -9.77 3.35
C GLU B 24 -48.38 -10.41 3.92
N LEU B 25 -47.98 -11.54 3.35
CA LEU B 25 -46.71 -12.19 3.69
C LEU B 25 -45.52 -11.27 3.41
N LEU B 26 -45.49 -10.70 2.21
CA LEU B 26 -44.44 -9.76 1.79
C LEU B 26 -44.41 -8.53 2.71
N GLU B 27 -45.58 -8.03 3.06
CA GLU B 27 -45.68 -6.91 4.03
C GLU B 27 -45.06 -7.32 5.38
N ALA B 28 -45.45 -8.50 5.87
CA ALA B 28 -44.88 -9.03 7.12
C ALA B 28 -43.35 -9.16 7.08
N ALA B 29 -42.80 -9.55 5.94
CA ALA B 29 -41.34 -9.67 5.78
C ALA B 29 -40.59 -8.33 5.90
N ARG B 30 -41.08 -7.33 5.18
CA ARG B 30 -40.52 -5.95 5.21
C ARG B 30 -40.64 -5.30 6.60
N SER B 31 -41.81 -5.43 7.21
CA SER B 31 -42.11 -4.81 8.53
C SER B 31 -41.38 -5.47 9.70
N GLY B 32 -41.06 -6.75 9.57
CA GLY B 32 -40.47 -7.53 10.68
C GLY B 32 -41.51 -8.20 11.57
N ASN B 33 -42.75 -8.31 11.09
CA ASN B 33 -43.84 -8.90 11.87
C ASN B 33 -43.77 -10.43 11.86
N GLU B 34 -43.10 -10.98 12.88
CA GLU B 34 -42.85 -12.41 13.00
C GLU B 34 -44.12 -13.25 13.09
N GLU B 35 -45.02 -12.89 14.00
CA GLU B 35 -46.26 -13.65 14.20
C GLU B 35 -47.06 -13.75 12.91
N LYS B 36 -47.15 -12.65 12.17
CA LYS B 36 -47.93 -12.62 10.94
C LYS B 36 -47.29 -13.41 9.80
N LEU B 37 -45.96 -13.29 9.70
CA LEU B 37 -45.21 -14.04 8.68
C LEU B 37 -45.43 -15.53 8.84
N MET B 38 -45.26 -16.03 10.05
CA MET B 38 -45.41 -17.48 10.32
C MET B 38 -46.84 -18.01 10.19
N ALA B 39 -47.85 -17.16 10.41
CA ALA B 39 -49.26 -17.52 10.13
C ALA B 39 -49.53 -17.70 8.62
N LEU B 40 -48.87 -16.88 7.80
CA LEU B 40 -49.10 -16.86 6.35
C LEU B 40 -48.11 -17.74 5.53
N LEU B 41 -46.91 -17.98 6.07
CA LEU B 41 -45.83 -18.65 5.32
C LEU B 41 -46.12 -20.13 5.16
N THR B 42 -46.11 -20.57 3.92
CA THR B 42 -46.28 -21.97 3.56
C THR B 42 -45.16 -22.39 2.57
N PRO B 43 -45.00 -23.72 2.36
CA PRO B 43 -44.10 -24.20 1.31
C PRO B 43 -44.42 -23.67 -0.09
N LEU B 44 -45.67 -23.27 -0.32
CA LEU B 44 -46.12 -22.77 -1.62
C LEU B 44 -45.93 -21.29 -1.86
N ASN B 45 -45.75 -20.48 -0.81
CA ASN B 45 -45.50 -19.02 -0.99
C ASN B 45 -44.15 -18.47 -0.44
N VAL B 46 -43.30 -19.32 0.13
CA VAL B 46 -42.02 -18.87 0.72
C VAL B 46 -41.12 -18.08 -0.29
N ASN B 47 -41.17 -18.49 -1.56
CA ASN B 47 -40.41 -17.84 -2.64
C ASN B 47 -41.29 -17.10 -3.66
N CYS B 48 -42.44 -16.56 -3.23
CA CYS B 48 -43.26 -15.73 -4.11
C CYS B 48 -42.54 -14.43 -4.40
N HIS B 49 -42.94 -13.76 -5.47
CA HIS B 49 -42.47 -12.42 -5.81
C HIS B 49 -43.60 -11.40 -5.72
N ALA B 50 -43.27 -10.16 -5.36
CA ALA B 50 -44.22 -9.06 -5.44
C ALA B 50 -44.62 -8.86 -6.91
N SER B 51 -45.87 -8.51 -7.16
CA SER B 51 -46.33 -8.24 -8.52
C SER B 51 -45.85 -6.88 -9.05
N ASP B 52 -45.48 -5.96 -8.14
CA ASP B 52 -45.04 -4.61 -8.52
C ASP B 52 -43.71 -4.20 -7.87
N GLY B 53 -43.18 -3.06 -8.31
CA GLY B 53 -41.90 -2.55 -7.83
C GLY B 53 -40.76 -3.43 -8.33
N ARG B 54 -39.89 -3.83 -7.42
CA ARG B 54 -38.75 -4.68 -7.74
C ARG B 54 -39.11 -6.15 -8.02
N LYS B 55 -40.30 -6.58 -7.59
CA LYS B 55 -40.72 -7.97 -7.60
C LYS B 55 -39.87 -8.80 -6.67
N SER B 56 -39.60 -8.23 -5.50
CA SER B 56 -38.84 -8.89 -4.46
C SER B 56 -39.57 -10.10 -3.88
N THR B 57 -38.78 -11.03 -3.38
CA THR B 57 -39.24 -12.17 -2.59
C THR B 57 -39.26 -11.73 -1.14
N PRO B 58 -39.94 -12.50 -0.26
CA PRO B 58 -39.88 -12.17 1.16
C PRO B 58 -38.45 -12.02 1.69
N LEU B 59 -37.54 -12.88 1.22
CA LEU B 59 -36.16 -12.88 1.68
C LEU B 59 -35.38 -11.63 1.21
N HIS B 60 -35.65 -11.16 -0.02
CA HIS B 60 -35.11 -9.86 -0.47
C HIS B 60 -35.54 -8.76 0.53
N LEU B 61 -36.83 -8.72 0.85
CA LEU B 61 -37.37 -7.68 1.74
C LEU B 61 -36.80 -7.81 3.16
N ALA B 62 -36.86 -9.01 3.72
CA ALA B 62 -36.28 -9.28 5.03
C ALA B 62 -34.80 -8.85 5.08
N ALA B 63 -34.05 -9.24 4.05
CA ALA B 63 -32.63 -8.89 3.98
C ALA B 63 -32.39 -7.40 3.89
N GLY B 64 -33.11 -6.72 2.99
CA GLY B 64 -32.94 -5.29 2.78
C GLY B 64 -33.31 -4.41 3.97
N TYR B 65 -34.35 -4.82 4.70
CA TYR B 65 -34.83 -4.09 5.89
C TYR B 65 -34.29 -4.65 7.21
N ASN B 66 -33.19 -5.40 7.16
CA ASN B 66 -32.47 -5.88 8.35
C ASN B 66 -33.36 -6.59 9.36
N ARG B 67 -34.17 -7.52 8.86
CA ARG B 67 -35.06 -8.31 9.70
C ARG B 67 -34.39 -9.65 9.99
N VAL B 68 -33.42 -9.62 10.88
CA VAL B 68 -32.51 -10.75 11.08
C VAL B 68 -33.27 -12.03 11.43
N ARG B 69 -34.21 -11.89 12.38
CA ARG B 69 -35.05 -13.01 12.78
C ARG B 69 -35.93 -13.54 11.62
N ILE B 70 -36.46 -12.63 10.80
CA ILE B 70 -37.30 -13.01 9.66
C ILE B 70 -36.45 -13.74 8.63
N VAL B 71 -35.26 -13.22 8.36
CA VAL B 71 -34.31 -13.87 7.46
C VAL B 71 -34.03 -15.31 7.90
N GLN B 72 -33.80 -15.48 9.20
CA GLN B 72 -33.50 -16.77 9.82
C GLN B 72 -34.65 -17.75 9.65
N LEU B 73 -35.85 -17.27 9.92
CA LEU B 73 -37.06 -18.07 9.75
C LEU B 73 -37.32 -18.44 8.29
N LEU B 74 -37.23 -17.47 7.40
CA LEU B 74 -37.36 -17.74 5.97
C LEU B 74 -36.38 -18.80 5.45
N LEU B 75 -35.09 -18.67 5.81
CA LEU B 75 -34.06 -19.66 5.43
C LEU B 75 -34.36 -21.05 5.99
N GLN B 76 -34.71 -21.09 7.27
CA GLN B 76 -35.15 -22.33 7.90
C GLN B 76 -36.36 -22.98 7.21
N HIS B 77 -37.24 -22.19 6.61
CA HIS B 77 -38.44 -22.73 5.97
C HIS B 77 -38.44 -22.67 4.44
N GLY B 78 -37.27 -22.83 3.83
CA GLY B 78 -37.16 -23.17 2.41
C GLY B 78 -36.98 -22.03 1.44
N ALA B 79 -36.72 -20.83 1.97
CA ALA B 79 -36.47 -19.67 1.13
C ALA B 79 -35.19 -19.87 0.31
N ASP B 80 -35.23 -19.42 -0.94
CA ASP B 80 -34.18 -19.63 -1.91
C ASP B 80 -33.26 -18.40 -1.92
N VAL B 81 -32.03 -18.57 -1.43
CA VAL B 81 -31.00 -17.52 -1.50
C VAL B 81 -30.62 -17.07 -2.91
N HIS B 82 -30.91 -17.89 -3.91
CA HIS B 82 -30.60 -17.58 -5.31
C HIS B 82 -31.72 -16.89 -6.09
N ALA B 83 -32.86 -16.64 -5.45
CA ALA B 83 -34.00 -15.98 -6.10
C ALA B 83 -33.62 -14.57 -6.57
N LYS B 84 -34.15 -14.17 -7.72
CA LYS B 84 -33.85 -12.86 -8.30
C LYS B 84 -35.07 -11.92 -8.20
N ASP B 85 -34.80 -10.63 -8.05
CA ASP B 85 -35.82 -9.61 -8.30
C ASP B 85 -35.77 -9.25 -9.78
N LYS B 86 -36.55 -8.26 -10.21
CA LYS B 86 -36.66 -7.94 -11.65
C LYS B 86 -35.36 -7.47 -12.31
N GLY B 87 -34.39 -7.01 -11.53
CA GLY B 87 -33.09 -6.60 -12.05
C GLY B 87 -31.97 -7.60 -11.82
N GLY B 88 -32.31 -8.81 -11.38
CA GLY B 88 -31.33 -9.85 -11.11
C GLY B 88 -30.63 -9.76 -9.77
N LEU B 89 -31.14 -8.92 -8.85
CA LEU B 89 -30.59 -8.89 -7.49
C LEU B 89 -31.01 -10.15 -6.76
N VAL B 90 -30.07 -10.73 -6.04
CA VAL B 90 -30.35 -11.75 -5.04
C VAL B 90 -30.39 -11.08 -3.67
N PRO B 91 -30.96 -11.74 -2.66
CA PRO B 91 -31.07 -11.10 -1.35
C PRO B 91 -29.73 -10.60 -0.78
N LEU B 92 -28.64 -11.29 -1.09
CA LEU B 92 -27.30 -10.83 -0.71
C LEU B 92 -27.01 -9.39 -1.18
N HIS B 93 -27.42 -9.04 -2.41
CA HIS B 93 -27.30 -7.67 -2.87
C HIS B 93 -27.98 -6.68 -1.91
N ASN B 94 -29.25 -6.97 -1.55
CA ASN B 94 -30.04 -6.06 -0.70
C ASN B 94 -29.37 -5.79 0.64
N ALA B 95 -28.97 -6.86 1.31
CA ALA B 95 -28.26 -6.80 2.59
C ALA B 95 -26.97 -5.97 2.48
N CYS B 96 -26.20 -6.23 1.44
CA CYS B 96 -24.92 -5.55 1.23
C CYS B 96 -25.06 -4.07 0.90
N SER B 97 -26.03 -3.76 0.06
CA SER B 97 -26.30 -2.38 -0.32
C SER B 97 -26.70 -1.49 0.88
N TYR B 98 -27.40 -2.05 1.87
CA TYR B 98 -27.81 -1.30 3.07
C TYR B 98 -26.97 -1.63 4.32
N GLY B 99 -25.83 -2.29 4.14
CA GLY B 99 -24.85 -2.49 5.21
C GLY B 99 -25.28 -3.38 6.37
N HIS B 100 -26.17 -4.33 6.11
CA HIS B 100 -26.68 -5.19 7.16
C HIS B 100 -25.71 -6.36 7.34
N TYR B 101 -24.79 -6.17 8.27
CA TYR B 101 -23.65 -7.09 8.44
C TYR B 101 -24.11 -8.51 8.80
N GLU B 102 -24.98 -8.61 9.80
CA GLU B 102 -25.38 -9.92 10.34
C GLU B 102 -26.23 -10.71 9.33
N VAL B 103 -27.13 -10.00 8.64
CA VAL B 103 -27.89 -10.60 7.55
C VAL B 103 -26.95 -11.15 6.47
N THR B 104 -25.99 -10.33 6.04
CA THR B 104 -25.01 -10.75 5.03
C THR B 104 -24.30 -12.04 5.44
N GLU B 105 -23.88 -12.11 6.70
CA GLU B 105 -23.18 -13.30 7.21
C GLU B 105 -24.07 -14.53 7.26
N LEU B 106 -25.33 -14.33 7.64
CA LEU B 106 -26.34 -15.39 7.65
C LEU B 106 -26.58 -15.94 6.23
N LEU B 107 -26.84 -15.05 5.27
CA LEU B 107 -27.06 -15.46 3.87
C LEU B 107 -25.86 -16.19 3.28
N LEU B 108 -24.66 -15.70 3.58
CA LEU B 108 -23.43 -16.37 3.18
C LEU B 108 -23.30 -17.74 3.81
N LYS B 109 -23.59 -17.86 5.11
CA LYS B 109 -23.58 -19.18 5.76
C LYS B 109 -24.58 -20.18 5.16
N HIS B 110 -25.69 -19.69 4.62
CA HIS B 110 -26.65 -20.56 3.91
C HIS B 110 -26.40 -20.70 2.40
N GLY B 111 -25.19 -20.39 1.94
CA GLY B 111 -24.78 -20.70 0.59
C GLY B 111 -25.06 -19.66 -0.48
N ALA B 112 -25.31 -18.42 -0.09
CA ALA B 112 -25.49 -17.35 -1.05
C ALA B 112 -24.19 -17.19 -1.86
N CYS B 113 -24.31 -16.95 -3.15
N CYS B 113 -24.31 -16.95 -3.15
CA CYS B 113 -23.13 -16.76 -4.01
CA CYS B 113 -23.14 -16.79 -4.02
C CYS B 113 -22.52 -15.38 -3.80
C CYS B 113 -22.52 -15.40 -3.82
N VAL B 114 -21.28 -15.36 -3.33
CA VAL B 114 -20.63 -14.10 -2.94
C VAL B 114 -20.37 -13.16 -4.14
N ASN B 115 -20.26 -13.73 -5.33
CA ASN B 115 -20.07 -12.97 -6.57
C ASN B 115 -21.29 -13.01 -7.51
N ALA B 116 -22.50 -13.09 -6.95
CA ALA B 116 -23.73 -13.09 -7.73
C ALA B 116 -23.82 -11.82 -8.54
N MET B 117 -24.28 -11.93 -9.78
CA MET B 117 -24.33 -10.78 -10.67
C MET B 117 -25.77 -10.50 -11.04
N ASP B 118 -26.16 -9.23 -10.97
CA ASP B 118 -27.44 -8.79 -11.48
C ASP B 118 -27.33 -8.59 -13.01
N LEU B 119 -28.38 -8.06 -13.64
CA LEU B 119 -28.40 -7.90 -15.11
C LEU B 119 -27.30 -6.97 -15.66
N TRP B 120 -26.82 -6.04 -14.83
CA TRP B 120 -25.77 -5.09 -15.17
C TRP B 120 -24.40 -5.51 -14.65
N GLN B 121 -24.34 -6.74 -14.16
CA GLN B 121 -23.13 -7.39 -13.69
C GLN B 121 -22.58 -6.78 -12.38
N PHE B 122 -23.47 -6.14 -11.61
CA PHE B 122 -23.13 -5.66 -10.28
C PHE B 122 -23.12 -6.84 -9.30
N THR B 123 -22.00 -7.00 -8.60
CA THR B 123 -21.87 -7.96 -7.52
C THR B 123 -22.31 -7.36 -6.18
N PRO B 124 -22.45 -8.19 -5.14
CA PRO B 124 -22.72 -7.62 -3.82
C PRO B 124 -21.58 -6.68 -3.36
N LEU B 125 -20.34 -6.98 -3.72
CA LEU B 125 -19.19 -6.10 -3.44
C LEU B 125 -19.27 -4.75 -4.15
N HIS B 126 -19.75 -4.73 -5.40
CA HIS B 126 -20.08 -3.45 -6.05
C HIS B 126 -21.08 -2.65 -5.19
N GLU B 127 -22.12 -3.31 -4.70
CA GLU B 127 -23.13 -2.66 -3.87
C GLU B 127 -22.58 -2.11 -2.54
N ALA B 128 -21.80 -2.93 -1.85
CA ALA B 128 -21.22 -2.57 -0.54
C ALA B 128 -20.22 -1.43 -0.68
N ALA B 129 -19.32 -1.58 -1.64
CA ALA B 129 -18.25 -0.61 -1.91
C ALA B 129 -18.82 0.73 -2.33
N SER B 130 -19.82 0.72 -3.22
CA SER B 130 -20.43 1.97 -3.71
C SER B 130 -21.14 2.78 -2.62
N LYS B 131 -21.71 2.08 -1.63
CA LYS B 131 -22.43 2.70 -0.51
C LYS B 131 -21.54 2.86 0.74
N ASN B 132 -20.23 2.65 0.59
CA ASN B 132 -19.25 2.89 1.64
C ASN B 132 -19.41 1.97 2.87
N ARG B 133 -19.86 0.72 2.65
CA ARG B 133 -20.10 -0.23 3.75
C ARG B 133 -18.82 -1.01 4.01
N VAL B 134 -17.93 -0.38 4.77
CA VAL B 134 -16.54 -0.85 4.87
C VAL B 134 -16.40 -2.24 5.50
N GLU B 135 -17.15 -2.51 6.57
CA GLU B 135 -17.06 -3.80 7.27
C GLU B 135 -17.68 -4.92 6.45
N VAL B 136 -18.80 -4.62 5.81
CA VAL B 136 -19.43 -5.56 4.86
C VAL B 136 -18.46 -5.96 3.72
N CYS B 137 -17.69 -5.00 3.19
CA CYS B 137 -16.73 -5.30 2.13
C CYS B 137 -15.69 -6.26 2.65
N SER B 138 -15.16 -5.98 3.84
CA SER B 138 -14.19 -6.87 4.47
C SER B 138 -14.73 -8.30 4.61
N LEU B 139 -15.98 -8.41 5.05
CA LEU B 139 -16.65 -9.72 5.16
C LEU B 139 -16.81 -10.41 3.79
N LEU B 140 -17.29 -9.68 2.80
CA LEU B 140 -17.42 -10.24 1.43
C LEU B 140 -16.08 -10.74 0.92
N LEU B 141 -15.06 -9.88 1.05
CA LEU B 141 -13.70 -10.25 0.61
C LEU B 141 -13.16 -11.44 1.38
N SER B 142 -13.48 -11.51 2.67
CA SER B 142 -13.17 -12.69 3.49
C SER B 142 -13.85 -13.98 2.97
N HIS B 143 -15.05 -13.86 2.39
CA HIS B 143 -15.76 -14.99 1.77
C HIS B 143 -15.49 -15.23 0.28
N GLY B 144 -14.46 -14.60 -0.28
CA GLY B 144 -14.05 -14.86 -1.64
C GLY B 144 -14.61 -13.92 -2.68
N ALA B 145 -15.10 -12.75 -2.26
CA ALA B 145 -15.55 -11.75 -3.20
C ALA B 145 -14.34 -11.35 -4.04
N ASP B 146 -14.55 -11.23 -5.34
CA ASP B 146 -13.49 -10.88 -6.28
C ASP B 146 -13.68 -9.41 -6.65
N PRO B 147 -12.81 -8.54 -6.10
CA PRO B 147 -12.88 -7.13 -6.45
C PRO B 147 -12.23 -6.78 -7.83
N THR B 148 -11.81 -7.78 -8.63
CA THR B 148 -11.41 -7.53 -10.03
C THR B 148 -12.52 -7.83 -11.07
N LEU B 149 -13.62 -8.45 -10.65
CA LEU B 149 -14.77 -8.64 -11.54
C LEU B 149 -15.35 -7.29 -11.95
N VAL B 150 -15.58 -7.11 -13.25
CA VAL B 150 -16.11 -5.85 -13.76
C VAL B 150 -17.61 -5.96 -14.02
N ASN B 151 -18.33 -4.86 -13.77
CA ASN B 151 -19.73 -4.74 -14.15
C ASN B 151 -19.84 -4.48 -15.67
N CYS B 152 -21.06 -4.23 -16.17
CA CYS B 152 -21.28 -4.02 -17.61
C CYS B 152 -20.68 -2.73 -18.17
N HIS B 153 -20.23 -1.83 -17.29
CA HIS B 153 -19.51 -0.60 -17.69
C HIS B 153 -17.99 -0.72 -17.56
N GLY B 154 -17.47 -1.91 -17.33
CA GLY B 154 -16.05 -2.12 -17.13
C GLY B 154 -15.50 -1.65 -15.78
N LYS B 155 -16.37 -1.39 -14.80
CA LYS B 155 -15.94 -0.89 -13.48
C LYS B 155 -15.87 -2.02 -12.44
N SER B 156 -14.73 -2.15 -11.77
CA SER B 156 -14.60 -3.06 -10.63
C SER B 156 -15.27 -2.48 -9.36
N ALA B 157 -15.31 -3.30 -8.31
CA ALA B 157 -15.83 -2.86 -6.99
C ALA B 157 -14.93 -1.79 -6.40
N VAL B 158 -13.62 -2.00 -6.55
CA VAL B 158 -12.61 -1.00 -6.13
C VAL B 158 -12.86 0.33 -6.85
N ASP B 159 -13.19 0.31 -8.15
CA ASP B 159 -13.53 1.57 -8.87
C ASP B 159 -14.75 2.31 -8.34
N MET B 160 -15.68 1.60 -7.70
CA MET B 160 -16.92 2.21 -7.20
C MET B 160 -16.81 2.81 -5.78
N ALA B 161 -15.73 2.52 -5.07
CA ALA B 161 -15.54 3.06 -3.73
C ALA B 161 -15.44 4.58 -3.84
N PRO B 162 -16.31 5.33 -3.14
CA PRO B 162 -16.38 6.78 -3.32
C PRO B 162 -15.33 7.61 -2.60
N THR B 163 -14.52 7.00 -1.72
CA THR B 163 -13.42 7.68 -1.06
C THR B 163 -12.10 6.95 -1.31
N PRO B 164 -10.98 7.69 -1.35
CA PRO B 164 -9.68 6.99 -1.47
C PRO B 164 -9.29 6.13 -0.26
N GLU B 165 -9.86 6.40 0.92
CA GLU B 165 -9.60 5.57 2.10
C GLU B 165 -10.18 4.16 1.92
N LEU B 166 -11.40 4.09 1.39
CA LEU B 166 -12.02 2.80 1.12
C LEU B 166 -11.29 2.04 0.02
N ARG B 167 -10.90 2.73 -1.07
CA ARG B 167 -10.11 2.09 -2.13
C ARG B 167 -8.83 1.49 -1.59
N GLU B 168 -8.16 2.25 -0.74
CA GLU B 168 -6.94 1.79 -0.11
C GLU B 168 -7.19 0.54 0.76
N ARG B 169 -8.26 0.55 1.54
CA ARG B 169 -8.61 -0.59 2.39
C ARG B 169 -8.99 -1.84 1.57
N LEU B 170 -9.84 -1.66 0.56
CA LEU B 170 -10.20 -2.76 -0.34
C LEU B 170 -9.01 -3.39 -1.01
N THR B 171 -8.08 -2.54 -1.44
CA THR B 171 -6.85 -2.99 -2.06
C THR B 171 -5.98 -3.76 -1.07
N TYR B 172 -5.89 -3.27 0.16
CA TYR B 172 -5.13 -3.94 1.22
C TYR B 172 -5.68 -5.36 1.44
N GLU B 173 -6.98 -5.45 1.61
CA GLU B 173 -7.61 -6.74 1.92
C GLU B 173 -7.48 -7.77 0.79
N PHE B 174 -7.76 -7.36 -0.45
CA PHE B 174 -7.61 -8.27 -1.58
C PHE B 174 -6.17 -8.70 -1.79
N LYS B 175 -5.21 -7.80 -1.62
CA LYS B 175 -3.81 -8.19 -1.66
C LYS B 175 -3.44 -9.19 -0.53
N GLY B 176 -3.94 -8.94 0.67
CA GLY B 176 -3.71 -9.84 1.81
C GLY B 176 -4.21 -11.26 1.55
N HIS B 177 -5.48 -11.38 1.19
CA HIS B 177 -6.06 -12.68 0.85
C HIS B 177 -5.33 -13.40 -0.26
N SER B 178 -4.82 -12.64 -1.25
CA SER B 178 -4.09 -13.20 -2.39
C SER B 178 -2.73 -13.68 -1.95
N LEU B 179 -2.08 -12.94 -1.05
CA LEU B 179 -0.83 -13.41 -0.49
C LEU B 179 -1.03 -14.76 0.24
N LEU B 180 -2.09 -14.86 1.02
CA LEU B 180 -2.38 -16.10 1.80
C LEU B 180 -2.51 -17.32 0.87
N GLN B 181 -3.31 -17.18 -0.19
CA GLN B 181 -3.45 -18.24 -1.22
C GLN B 181 -2.14 -18.58 -1.90
N ALA B 182 -1.40 -17.58 -2.36
CA ALA B 182 -0.10 -17.84 -2.96
C ALA B 182 0.80 -18.64 -2.03
N ALA B 183 0.70 -18.35 -0.73
CA ALA B 183 1.48 -19.05 0.28
C ALA B 183 1.07 -20.51 0.43
N ARG B 184 -0.23 -20.78 0.34
CA ARG B 184 -0.74 -22.16 0.41
C ARG B 184 -0.21 -23.06 -0.74
N GLU B 185 0.04 -22.44 -1.91
CA GLU B 185 0.52 -23.14 -3.09
C GLU B 185 2.02 -23.11 -3.22
N ALA B 186 2.72 -22.52 -2.25
CA ALA B 186 4.15 -22.32 -2.32
C ALA B 186 4.58 -21.81 -3.72
N ASP B 187 3.82 -20.86 -4.25
CA ASP B 187 4.12 -20.14 -5.51
C ASP B 187 5.22 -19.10 -5.26
N LEU B 188 6.48 -19.53 -5.31
CA LEU B 188 7.64 -18.68 -4.97
C LEU B 188 7.63 -17.40 -5.78
N ALA B 189 7.49 -17.55 -7.10
CA ALA B 189 7.48 -16.39 -8.01
C ALA B 189 6.37 -15.38 -7.67
N LYS B 190 5.15 -15.84 -7.33
CA LYS B 190 4.05 -14.89 -7.03
C LYS B 190 4.20 -14.18 -5.64
N VAL B 191 4.69 -14.89 -4.63
CA VAL B 191 4.98 -14.25 -3.35
C VAL B 191 6.15 -13.25 -3.51
N LYS B 192 7.22 -13.68 -4.19
CA LYS B 192 8.36 -12.80 -4.54
C LYS B 192 7.90 -11.50 -5.22
N LYS B 193 6.93 -11.65 -6.13
CA LYS B 193 6.39 -10.52 -6.89
C LYS B 193 5.62 -9.53 -6.03
N THR B 194 4.61 -10.01 -5.32
CA THR B 194 3.76 -9.11 -4.50
C THR B 194 4.48 -8.39 -3.33
N LEU B 195 5.39 -9.09 -2.65
CA LEU B 195 6.30 -8.48 -1.66
C LEU B 195 7.28 -7.42 -2.23
N ALA B 196 7.67 -7.56 -3.50
CA ALA B 196 8.48 -6.51 -4.17
C ALA B 196 7.78 -5.13 -4.25
N LEU B 197 6.44 -5.15 -4.38
CA LEU B 197 5.56 -3.96 -4.48
C LEU B 197 5.11 -3.32 -3.14
N GLU B 198 5.57 -3.87 -2.03
CA GLU B 198 5.32 -3.29 -0.71
C GLU B 198 6.14 -2.01 -0.56
N ILE B 199 5.61 -1.05 0.18
CA ILE B 199 6.24 0.25 0.28
C ILE B 199 7.55 0.24 1.10
N ILE B 200 7.77 -0.76 1.96
CA ILE B 200 9.02 -0.85 2.73
C ILE B 200 10.28 -0.81 1.83
N ASN B 201 10.20 -1.42 0.66
CA ASN B 201 11.27 -1.46 -0.34
C ASN B 201 11.23 -0.37 -1.40
N PHE B 202 10.37 0.64 -1.23
CA PHE B 202 10.27 1.73 -2.21
C PHE B 202 11.66 2.35 -2.41
N LYS B 203 11.99 2.57 -3.68
CA LYS B 203 13.27 3.14 -4.09
C LYS B 203 13.03 4.53 -4.67
N GLN B 204 13.81 5.51 -4.20
CA GLN B 204 13.85 6.84 -4.77
C GLN B 204 14.20 6.67 -6.28
N PRO B 205 13.36 7.17 -7.20
CA PRO B 205 13.58 6.74 -8.61
C PRO B 205 14.94 7.05 -9.26
N GLN B 206 15.62 8.11 -8.83
CA GLN B 206 16.96 8.48 -9.35
C GLN B 206 18.13 7.95 -8.53
N SER B 207 18.08 8.21 -7.22
CA SER B 207 19.18 7.88 -6.30
C SER B 207 19.17 6.36 -5.94
N HIS B 208 18.00 5.73 -6.10
CA HIS B 208 17.75 4.32 -5.74
C HIS B 208 17.89 3.95 -4.24
N GLU B 209 17.93 4.96 -3.37
CA GLU B 209 17.95 4.71 -1.92
C GLU B 209 16.54 4.30 -1.42
N THR B 210 16.50 3.47 -0.39
CA THR B 210 15.30 3.13 0.33
C THR B 210 15.20 3.91 1.63
N ALA B 211 14.08 3.69 2.32
CA ALA B 211 13.85 4.29 3.63
C ALA B 211 14.99 3.96 4.58
N LEU B 212 15.57 2.76 4.47
CA LEU B 212 16.66 2.40 5.36
C LEU B 212 17.94 3.24 5.13
N HIS B 213 18.30 3.51 3.89
CA HIS B 213 19.42 4.47 3.61
C HIS B 213 19.11 5.83 4.22
N CYS B 214 17.86 6.28 4.05
CA CYS B 214 17.43 7.57 4.58
C CYS B 214 17.52 7.58 6.10
N ALA B 215 17.07 6.51 6.73
CA ALA B 215 17.07 6.46 8.18
C ALA B 215 18.48 6.53 8.79
N VAL B 216 19.42 5.79 8.20
CA VAL B 216 20.77 5.68 8.79
C VAL B 216 21.57 6.95 8.55
N ALA B 217 21.17 7.72 7.54
CA ALA B 217 21.75 9.06 7.24
C ALA B 217 21.15 10.20 8.07
N SER B 218 20.02 9.94 8.71
CA SER B 218 19.29 10.99 9.45
C SER B 218 20.13 11.59 10.56
N LEU B 219 19.94 12.89 10.77
CA LEU B 219 20.54 13.64 11.86
C LEU B 219 19.61 13.77 13.09
N HIS B 220 18.44 13.14 13.06
CA HIS B 220 17.41 13.23 14.14
CA HIS B 220 17.45 13.26 14.14
C HIS B 220 17.62 12.10 15.18
N PRO B 221 17.32 12.37 16.47
CA PRO B 221 17.70 11.40 17.51
C PRO B 221 16.92 10.07 17.61
N LYS B 222 15.83 9.93 16.88
CA LYS B 222 15.12 8.66 16.76
C LYS B 222 15.60 7.76 15.64
N ARG B 223 16.73 8.11 14.98
CA ARG B 223 17.16 7.31 13.84
C ARG B 223 17.35 5.83 14.17
N LYS B 224 17.85 5.51 15.35
CA LYS B 224 18.01 4.10 15.76
C LYS B 224 16.69 3.35 15.77
N GLN B 225 15.68 3.93 16.42
CA GLN B 225 14.38 3.29 16.52
C GLN B 225 13.71 3.16 15.15
N VAL B 226 13.91 4.15 14.28
CA VAL B 226 13.37 4.07 12.92
C VAL B 226 14.07 2.96 12.12
N ALA B 227 15.40 2.90 12.17
CA ALA B 227 16.09 1.83 11.44
C ALA B 227 15.65 0.46 11.94
N GLU B 228 15.53 0.31 13.26
CA GLU B 228 15.08 -0.94 13.88
C GLU B 228 13.70 -1.34 13.32
N LEU B 229 12.78 -0.38 13.31
CA LEU B 229 11.42 -0.63 12.81
C LEU B 229 11.39 -1.04 11.34
N LEU B 230 12.11 -0.30 10.50
CA LEU B 230 12.20 -0.63 9.07
C LEU B 230 12.71 -2.06 8.88
N LEU B 231 13.73 -2.43 9.64
CA LEU B 231 14.31 -3.77 9.50
C LEU B 231 13.35 -4.87 9.99
N ARG B 232 12.67 -4.63 11.09
CA ARG B 232 11.57 -5.52 11.56
C ARG B 232 10.44 -5.68 10.53
N LYS B 233 10.13 -4.64 9.78
CA LYS B 233 9.09 -4.70 8.76
C LYS B 233 9.58 -5.18 7.40
N GLY B 234 10.79 -5.70 7.32
CA GLY B 234 11.28 -6.38 6.13
C GLY B 234 12.21 -5.61 5.19
N ALA B 235 12.71 -4.44 5.59
CA ALA B 235 13.70 -3.73 4.75
C ALA B 235 14.94 -4.61 4.47
N ASN B 236 15.44 -4.59 3.25
CA ASN B 236 16.67 -5.33 2.88
C ASN B 236 17.86 -4.61 3.48
N VAL B 237 18.52 -5.31 4.40
CA VAL B 237 19.63 -4.76 5.15
C VAL B 237 20.83 -4.39 4.25
N ASN B 238 20.91 -5.01 3.07
CA ASN B 238 22.02 -4.85 2.14
C ASN B 238 21.64 -4.12 0.88
N GLU B 239 20.49 -3.45 0.86
CA GLU B 239 20.02 -2.73 -0.34
C GLU B 239 21.04 -1.73 -0.86
N LYS B 240 21.19 -1.70 -2.18
CA LYS B 240 22.14 -0.83 -2.82
C LYS B 240 21.44 0.37 -3.43
N ASN B 241 22.01 1.55 -3.23
CA ASN B 241 21.58 2.75 -3.92
C ASN B 241 22.31 2.78 -5.30
N LYS B 242 22.18 3.89 -6.02
CA LYS B 242 22.78 4.06 -7.39
C LYS B 242 24.29 3.77 -7.42
N ASP B 243 24.98 4.12 -6.34
CA ASP B 243 26.41 3.94 -6.22
C ASP B 243 26.80 2.62 -5.59
N PHE B 244 25.85 1.70 -5.50
CA PHE B 244 26.04 0.41 -4.84
C PHE B 244 26.43 0.53 -3.36
N MET B 245 26.06 1.65 -2.74
CA MET B 245 26.24 1.82 -1.31
C MET B 245 25.09 1.17 -0.57
N THR B 246 25.44 0.37 0.43
CA THR B 246 24.52 -0.18 1.36
C THR B 246 24.25 0.86 2.47
N PRO B 247 23.21 0.65 3.29
CA PRO B 247 23.05 1.50 4.46
C PRO B 247 24.29 1.52 5.35
N LEU B 248 25.01 0.40 5.44
CA LEU B 248 26.26 0.35 6.20
C LEU B 248 27.31 1.34 5.71
N HIS B 249 27.49 1.44 4.39
CA HIS B 249 28.42 2.43 3.78
C HIS B 249 27.97 3.84 4.20
N VAL B 250 26.67 4.11 4.07
CA VAL B 250 26.10 5.43 4.36
C VAL B 250 26.37 5.79 5.84
N ALA B 251 26.09 4.87 6.74
CA ALA B 251 26.29 5.11 8.16
C ALA B 251 27.76 5.26 8.56
N ALA B 252 28.61 4.40 8.04
CA ALA B 252 30.04 4.39 8.37
C ALA B 252 30.69 5.72 7.97
N GLU B 253 30.36 6.22 6.78
CA GLU B 253 31.02 7.44 6.32
C GLU B 253 30.62 8.68 7.13
N ARG B 254 29.46 8.62 7.81
CA ARG B 254 28.98 9.69 8.67
C ARG B 254 29.25 9.45 10.14
N ALA B 255 29.89 8.33 10.49
CA ALA B 255 30.07 7.93 11.89
C ALA B 255 28.73 7.88 12.66
N HIS B 256 27.70 7.35 12.03
CA HIS B 256 26.44 7.06 12.71
C HIS B 256 26.50 5.68 13.33
N ASN B 257 27.18 5.58 14.46
CA ASN B 257 27.52 4.29 15.05
C ASN B 257 26.29 3.57 15.60
N ASP B 258 25.35 4.31 16.15
CA ASP B 258 24.13 3.71 16.71
C ASP B 258 23.37 2.84 15.69
N VAL B 259 23.14 3.36 14.49
CA VAL B 259 22.46 2.62 13.45
C VAL B 259 23.35 1.54 12.80
N MET B 260 24.68 1.71 12.82
CA MET B 260 25.58 0.63 12.37
C MET B 260 25.38 -0.63 13.21
N GLU B 261 25.22 -0.47 14.53
CA GLU B 261 24.91 -1.60 15.42
C GLU B 261 23.61 -2.31 15.08
N VAL B 262 22.58 -1.53 14.75
CA VAL B 262 21.30 -2.10 14.30
C VAL B 262 21.51 -2.91 13.02
N LEU B 263 22.21 -2.33 12.05
CA LEU B 263 22.49 -3.02 10.79
C LEU B 263 23.24 -4.33 11.04
N HIS B 264 24.26 -4.29 11.88
CA HIS B 264 25.04 -5.49 12.24
C HIS B 264 24.17 -6.55 12.90
N LYS B 265 23.30 -6.13 13.81
CA LYS B 265 22.32 -7.02 14.47
C LYS B 265 21.35 -7.72 13.48
N HIS B 266 21.02 -7.06 12.38
CA HIS B 266 20.18 -7.66 11.35
C HIS B 266 20.97 -8.30 10.19
N GLY B 267 22.23 -8.64 10.44
CA GLY B 267 23.01 -9.41 9.47
C GLY B 267 23.57 -8.67 8.27
N ALA B 268 23.84 -7.38 8.42
CA ALA B 268 24.42 -6.60 7.33
C ALA B 268 25.72 -7.28 6.86
N LYS B 269 25.91 -7.39 5.56
CA LYS B 269 27.18 -7.86 5.01
C LYS B 269 28.26 -6.80 5.22
N MET B 270 29.14 -7.08 6.18
CA MET B 270 30.18 -6.15 6.56
C MET B 270 31.15 -5.79 5.43
N ASN B 271 31.33 -6.70 4.47
CA ASN B 271 32.28 -6.48 3.38
C ASN B 271 31.62 -6.23 2.04
N ALA B 272 30.35 -5.81 2.04
CA ALA B 272 29.69 -5.42 0.79
C ALA B 272 30.50 -4.31 0.12
N LEU B 273 30.55 -4.34 -1.21
CA LEU B 273 31.40 -3.44 -1.99
C LEU B 273 30.57 -2.40 -2.73
N ASP B 274 30.99 -1.16 -2.66
CA ASP B 274 30.39 -0.11 -3.46
C ASP B 274 30.91 -0.14 -4.91
N SER B 275 30.54 0.85 -5.71
CA SER B 275 30.89 0.88 -7.13
C SER B 275 32.39 1.11 -7.37
N LEU B 276 33.10 1.57 -6.36
CA LEU B 276 34.55 1.69 -6.37
C LEU B 276 35.26 0.48 -5.72
N GLY B 277 34.53 -0.60 -5.45
CA GLY B 277 35.07 -1.79 -4.77
C GLY B 277 35.47 -1.56 -3.31
N GLN B 278 34.86 -0.55 -2.67
CA GLN B 278 35.16 -0.18 -1.28
C GLN B 278 34.13 -0.75 -0.32
N THR B 279 34.61 -1.15 0.83
CA THR B 279 33.76 -1.52 1.94
C THR B 279 33.41 -0.28 2.76
N ALA B 280 32.49 -0.46 3.69
CA ALA B 280 32.18 0.55 4.70
C ALA B 280 33.43 1.01 5.46
N LEU B 281 34.33 0.07 5.70
CA LEU B 281 35.59 0.33 6.38
C LEU B 281 36.49 1.27 5.56
N HIS B 282 36.59 1.08 4.23
CA HIS B 282 37.33 2.06 3.39
C HIS B 282 36.74 3.48 3.59
N ARG B 283 35.42 3.58 3.58
CA ARG B 283 34.77 4.88 3.73
C ARG B 283 35.00 5.52 5.10
N ALA B 284 34.88 4.73 6.16
CA ALA B 284 35.22 5.23 7.50
C ALA B 284 36.71 5.61 7.64
N ALA B 285 37.61 4.77 7.11
CA ALA B 285 39.07 5.09 7.11
C ALA B 285 39.34 6.42 6.41
N LEU B 286 38.73 6.60 5.26
CA LEU B 286 38.98 7.77 4.43
C LEU B 286 38.51 9.03 5.13
N ALA B 287 37.36 8.96 5.81
CA ALA B 287 36.85 10.09 6.60
C ALA B 287 37.61 10.30 7.93
N GLY B 288 38.45 9.35 8.35
CA GLY B 288 39.16 9.47 9.63
C GLY B 288 38.32 9.20 10.88
N HIS B 289 37.21 8.46 10.75
CA HIS B 289 36.34 8.13 11.90
C HIS B 289 36.92 6.94 12.67
N LEU B 290 37.69 7.23 13.71
CA LEU B 290 38.49 6.21 14.38
C LEU B 290 37.64 5.16 15.12
N GLN B 291 36.70 5.61 15.94
CA GLN B 291 35.82 4.67 16.64
C GLN B 291 34.98 3.84 15.67
N THR B 292 34.51 4.46 14.59
CA THR B 292 33.75 3.76 13.55
C THR B 292 34.55 2.62 12.94
N CYS B 293 35.84 2.89 12.65
CA CYS B 293 36.72 1.84 12.14
C CYS B 293 36.84 0.71 13.14
N ARG B 294 36.99 1.07 14.41
CA ARG B 294 37.12 0.08 15.45
C ARG B 294 35.88 -0.81 15.54
N LEU B 295 34.71 -0.19 15.48
CA LEU B 295 33.47 -0.91 15.56
C LEU B 295 33.33 -1.86 14.36
N LEU B 296 33.56 -1.34 13.17
CA LEU B 296 33.54 -2.15 11.96
C LEU B 296 34.44 -3.39 12.04
N LEU B 297 35.66 -3.22 12.56
CA LEU B 297 36.59 -4.33 12.74
C LEU B 297 36.03 -5.37 13.69
N SER B 298 35.43 -4.91 14.80
CA SER B 298 34.85 -5.82 15.80
C SER B 298 33.70 -6.62 15.22
N TYR B 299 33.04 -6.06 14.21
CA TYR B 299 31.94 -6.73 13.51
C TYR B 299 32.38 -7.69 12.40
N GLY B 300 33.68 -7.81 12.17
CA GLY B 300 34.21 -8.72 11.17
C GLY B 300 34.51 -8.09 9.81
N SER B 301 34.61 -6.77 9.75
CA SER B 301 35.10 -6.11 8.52
C SER B 301 36.52 -6.58 8.21
N ASP B 302 36.76 -6.87 6.93
CA ASP B 302 38.03 -7.41 6.46
C ASP B 302 38.90 -6.25 6.01
N PRO B 303 39.96 -5.92 6.78
CA PRO B 303 40.81 -4.80 6.38
C PRO B 303 41.72 -5.07 5.18
N SER B 304 41.86 -6.33 4.74
CA SER B 304 42.76 -6.67 3.62
C SER B 304 42.16 -6.41 2.23
N ILE B 305 40.87 -6.08 2.18
CA ILE B 305 40.19 -5.90 0.91
C ILE B 305 40.75 -4.69 0.16
N ILE B 306 41.03 -4.90 -1.13
CA ILE B 306 41.68 -3.90 -1.98
C ILE B 306 40.63 -3.35 -2.92
N SER B 307 40.46 -2.03 -2.95
CA SER B 307 39.49 -1.37 -3.83
C SER B 307 39.88 -1.46 -5.31
N LEU B 308 38.94 -1.09 -6.18
CA LEU B 308 39.19 -1.07 -7.63
C LEU B 308 40.32 -0.12 -8.02
N GLN B 309 40.47 0.97 -7.28
CA GLN B 309 41.60 1.88 -7.47
C GLN B 309 42.95 1.36 -6.91
N GLY B 310 42.95 0.20 -6.23
CA GLY B 310 44.20 -0.44 -5.78
C GLY B 310 44.58 -0.24 -4.30
N PHE B 311 43.64 0.24 -3.49
CA PHE B 311 43.93 0.62 -2.10
C PHE B 311 43.17 -0.21 -1.05
N THR B 312 43.88 -0.56 0.01
CA THR B 312 43.27 -1.01 1.26
C THR B 312 42.76 0.19 2.07
N ALA B 313 41.98 -0.09 3.11
CA ALA B 313 41.49 0.96 4.01
C ALA B 313 42.64 1.75 4.63
N ALA B 314 43.64 1.02 5.11
CA ALA B 314 44.82 1.60 5.78
C ALA B 314 45.64 2.51 4.85
N GLN B 315 45.72 2.13 3.58
CA GLN B 315 46.39 2.96 2.58
C GLN B 315 45.69 4.29 2.29
N MET B 316 44.40 4.38 2.61
CA MET B 316 43.61 5.62 2.43
C MET B 316 43.51 6.49 3.68
N GLY B 317 43.90 5.94 4.82
CA GLY B 317 43.73 6.61 6.09
C GLY B 317 44.97 7.28 6.65
N ASN B 318 44.72 8.12 7.65
CA ASN B 318 45.78 8.79 8.42
C ASN B 318 46.44 7.85 9.41
N GLU B 319 47.41 8.35 10.15
CA GLU B 319 48.21 7.52 11.04
C GLU B 319 47.35 6.81 12.11
N ALA B 320 46.46 7.57 12.74
CA ALA B 320 45.54 7.03 13.77
C ALA B 320 44.67 5.88 13.22
N VAL B 321 44.18 6.04 11.99
CA VAL B 321 43.46 4.96 11.27
C VAL B 321 44.32 3.72 11.06
N GLN B 322 45.56 3.95 10.60
CA GLN B 322 46.49 2.86 10.36
C GLN B 322 46.79 2.13 11.66
N GLN B 323 46.96 2.88 12.74
CA GLN B 323 47.12 2.30 14.08
C GLN B 323 45.90 1.41 14.43
N ILE B 324 44.71 2.01 14.44
CA ILE B 324 43.46 1.24 14.67
C ILE B 324 43.46 -0.05 13.84
N LEU B 325 43.71 0.05 12.53
CA LEU B 325 43.58 -1.11 11.64
C LEU B 325 44.65 -2.20 11.82
N SER B 326 45.75 -1.90 12.51
CA SER B 326 46.74 -2.93 12.86
C SER B 326 46.59 -3.50 14.29
N GLU B 327 46.03 -2.71 15.23
CA GLU B 327 45.98 -3.12 16.66
C GLU B 327 44.77 -3.98 16.95
N LEU C 2 -34.06 0.16 -19.60
CA LEU C 2 -32.63 0.19 -20.05
C LEU C 2 -31.66 0.60 -18.92
N ALA C 3 -32.01 1.66 -18.20
CA ALA C 3 -31.16 2.20 -17.12
C ALA C 3 -31.38 1.46 -15.79
N ARG C 4 -30.29 1.06 -15.15
CA ARG C 4 -30.32 0.36 -13.86
C ARG C 4 -30.93 1.26 -12.79
N GLU C 5 -31.95 0.76 -12.09
CA GLU C 5 -32.49 1.46 -10.92
C GLU C 5 -31.50 1.25 -9.79
N SER C 6 -30.96 2.34 -9.24
CA SER C 6 -29.88 2.27 -8.25
C SER C 6 -30.34 2.03 -6.79
N SER C 7 -31.58 1.59 -6.59
CA SER C 7 -32.11 1.26 -5.27
C SER C 7 -32.76 -0.14 -5.24
N ALA C 8 -32.17 -1.04 -4.45
CA ALA C 8 -32.82 -2.30 -4.10
C ALA C 8 -33.85 -2.05 -3.00
N ASP C 9 -34.74 -3.02 -2.77
CA ASP C 9 -35.69 -2.93 -1.65
C ASP C 9 -34.92 -3.09 -0.32
N GLY C 10 -35.16 -2.16 0.60
CA GLY C 10 -34.45 -2.10 1.89
C GLY C 10 -34.23 -0.67 2.36
N ALA C 11 -33.51 -0.53 3.46
CA ALA C 11 -33.22 0.78 4.06
C ALA C 11 -32.08 0.67 5.07
N ASP C 12 -31.44 1.81 5.33
CA ASP C 12 -30.31 1.94 6.27
C ASP C 12 -30.76 1.74 7.73
N SER C 13 -29.98 0.95 8.48
CA SER C 13 -30.17 0.72 9.93
C SER C 13 -28.88 1.06 10.67
N ALA D 3 -14.44 31.96 -14.12
CA ALA D 3 -14.20 30.86 -15.11
C ALA D 3 -12.70 30.71 -15.42
N ARG D 4 -12.11 29.63 -14.92
CA ARG D 4 -10.70 29.33 -15.17
C ARG D 4 -10.42 29.15 -16.66
N GLU D 5 -9.39 29.79 -17.18
CA GLU D 5 -8.87 29.47 -18.52
C GLU D 5 -7.95 28.25 -18.38
N SER D 6 -8.20 27.21 -19.17
CA SER D 6 -7.46 25.95 -19.04
C SER D 6 -6.00 26.03 -19.45
N SER D 7 -5.65 27.04 -20.28
CA SER D 7 -4.37 27.09 -20.98
C SER D 7 -3.38 28.10 -20.38
N ALA D 8 -2.41 27.61 -19.62
CA ALA D 8 -1.26 28.43 -19.22
C ALA D 8 -0.49 28.85 -20.49
N ASP D 9 0.32 29.90 -20.39
CA ASP D 9 1.21 30.26 -21.49
C ASP D 9 2.26 29.18 -21.62
N GLY D 10 2.46 28.72 -22.85
CA GLY D 10 3.45 27.69 -23.14
C GLY D 10 3.00 26.74 -24.25
N ALA D 11 3.80 25.70 -24.47
CA ALA D 11 3.55 24.78 -25.58
C ALA D 11 4.22 23.42 -25.34
N ASP D 12 3.53 22.37 -25.86
CA ASP D 12 4.15 21.06 -26.07
C ASP D 12 5.27 21.13 -27.08
#